data_6B6Y
#
_entry.id   6B6Y
#
_cell.length_a   65.190
_cell.length_b   76.120
_cell.length_c   76.110
_cell.angle_alpha   75.84
_cell.angle_beta   64.63
_cell.angle_gamma   64.49
#
_symmetry.space_group_name_H-M   'P 1'
#
loop_
_entity.id
_entity.type
_entity.pdbx_description
1 polymer 'Carbon monoxide dehydrogenase'
2 non-polymer 'IRON/SULFUR CLUSTER'
3 non-polymer 'Fe(4)-Ni(1)-S(4) cluster, oxidized'
4 non-polymer GLYCEROL
5 non-polymer 'FE2/S2 (INORGANIC) CLUSTER'
6 water water
#
_entity_poly.entity_id   1
_entity_poly.type   'polypeptide(L)'
_entity_poly.pdbx_seq_one_letter_code
;MWSHPAVRKSSSKTIRSRSIWDDAHAMLEKAKAEGISTVWDRAAEQTPACKFCELGTTCRNCIMGPCRIANRKDGKMRLG
VCGADADVIVARNFGRFIAGGAAGHSDHGRDLIETLEAVAEGKAPGYTIRDVAKLRRIAAELGVADAATRPAHDVAADLV
TICYNDFGSRRNALAFLARAPQVRRDLWQRLGMTPRGVDREIAEMMHRTHMGCDNDHTSLLVHAARTALADGWGGSMIGT
ELSDILFGTPRPRQSTVNLGVLRKDAVNILVHGHNPVVSEMILAATREPAVRQAAQDAGAADINVAGLCCTGNELLMRQG
IPMAGNHLMTELAIVTGAADAIVADYQCIMPSLVQIAACYHTRFVTTSPKGRFTGATHVEVHPHNAQERCREIVMLAIDA
YTRRDPARVDIPSQPVSIMSGFSNEAILEALGGTPKPLIDAVVAGQIRGFVGIVGCNNPKIRQDSANVTLTRELIRRDIM
VLATGCVTTAAGKAGLLVPEAASKAGEGLAAVCRSLGVPPVLHMGSCVDNSRILQLCALLATTLGVDISDLPVGASSPEW
YSEKAAAIAMYAVASGIPTHLGLPPNILGSENVTAMALHGLQDVVGAAFMVEPDPVKAADMLEAHIVARRARLGLTS
;
_entity_poly.pdbx_strand_id   A,B
#
# COMPACT_ATOMS: atom_id res chain seq x y z
N ARG A 16 -10.90 33.38 16.57
CA ARG A 16 -12.25 33.74 16.11
C ARG A 16 -12.50 33.23 14.70
N SER A 17 -11.57 33.54 13.79
CA SER A 17 -11.65 33.03 12.43
C SER A 17 -11.23 31.57 12.33
N ARG A 18 -10.62 31.03 13.39
CA ARG A 18 -10.17 29.64 13.36
C ARG A 18 -11.30 28.67 13.64
N SER A 19 -12.23 29.05 14.51
CA SER A 19 -13.32 28.17 14.91
C SER A 19 -14.58 29.00 15.13
N ILE A 20 -15.73 28.33 15.08
CA ILE A 20 -17.01 28.99 15.38
C ILE A 20 -17.45 28.77 16.83
N TRP A 21 -16.70 28.03 17.62
CA TRP A 21 -17.12 27.60 18.95
C TRP A 21 -16.43 28.41 20.02
N ASP A 22 -17.18 28.71 21.08
CA ASP A 22 -16.63 29.49 22.19
C ASP A 22 -15.64 28.68 23.03
N ASP A 23 -15.88 27.37 23.17
CA ASP A 23 -14.93 26.54 23.92
C ASP A 23 -13.58 26.49 23.21
N ALA A 24 -13.57 26.45 21.89
CA ALA A 24 -12.32 26.53 21.15
C ALA A 24 -11.68 27.90 21.29
N HIS A 25 -12.48 28.96 21.19
CA HIS A 25 -11.97 30.32 21.38
C HIS A 25 -11.28 30.47 22.73
N ALA A 26 -11.96 30.04 23.80
CA ALA A 26 -11.39 30.18 25.14
C ALA A 26 -10.08 29.42 25.26
N MET A 27 -10.01 28.22 24.66
CA MET A 27 -8.79 27.43 24.77
C MET A 27 -7.68 27.93 23.86
N LEU A 28 -8.03 28.47 22.68
CA LEU A 28 -7.02 29.08 21.82
C LEU A 28 -6.38 30.30 22.50
N GLU A 29 -7.20 31.15 23.12
CA GLU A 29 -6.67 32.27 23.87
C GLU A 29 -5.86 31.81 25.07
N LYS A 30 -6.28 30.72 25.72
CA LYS A 30 -5.49 30.16 26.81
C LYS A 30 -4.17 29.62 26.29
N ALA A 31 -4.17 29.02 25.10
CA ALA A 31 -2.94 28.46 24.55
C ALA A 31 -1.93 29.55 24.23
N LYS A 32 -2.37 30.65 23.59
CA LYS A 32 -1.44 31.73 23.24
C LYS A 32 -0.83 32.37 24.48
N ALA A 33 -1.63 32.59 25.52
CA ALA A 33 -1.09 33.15 26.75
C ALA A 33 -0.03 32.24 27.34
N GLU A 34 -0.25 30.93 27.27
CA GLU A 34 0.71 29.95 27.76
C GLU A 34 1.80 29.63 26.75
N GLY A 35 1.83 30.32 25.62
CA GLY A 35 2.86 30.09 24.61
C GLY A 35 2.86 28.69 24.03
N ILE A 36 1.68 28.12 23.81
CA ILE A 36 1.54 26.78 23.27
C ILE A 36 1.09 26.90 21.81
N SER A 37 1.82 26.24 20.92
CA SER A 37 1.55 26.30 19.49
C SER A 37 0.49 25.26 19.10
N THR A 38 -0.53 25.71 18.40
CA THR A 38 -1.64 24.84 17.99
C THR A 38 -1.47 24.44 16.53
N VAL A 39 -2.37 23.54 16.09
CA VAL A 39 -2.39 23.10 14.70
C VAL A 39 -2.68 24.27 13.77
N TRP A 40 -3.41 25.28 14.25
CA TRP A 40 -3.64 26.47 13.44
C TRP A 40 -2.38 27.29 13.29
N ASP A 41 -1.53 27.30 14.31
CA ASP A 41 -0.29 28.06 14.22
C ASP A 41 0.67 27.43 13.20
N ARG A 42 0.69 26.10 13.13
CA ARG A 42 1.55 25.40 12.18
C ARG A 42 0.96 25.38 10.77
N ALA A 43 -0.36 25.53 10.63
CA ALA A 43 -0.97 25.60 9.31
C ALA A 43 -0.54 26.87 8.57
N ALA A 44 -0.42 27.99 9.30
CA ALA A 44 0.03 29.23 8.68
C ALA A 44 1.48 29.15 8.25
N GLU A 45 2.31 28.39 8.96
CA GLU A 45 3.69 28.23 8.56
C GLU A 45 3.83 27.47 7.25
N GLN A 46 2.92 26.54 6.98
CA GLN A 46 2.95 25.76 5.75
C GLN A 46 2.07 26.34 4.66
N THR A 47 1.62 27.58 4.80
CA THR A 47 0.80 28.26 3.80
C THR A 47 1.52 29.55 3.41
N PRO A 48 1.83 29.79 2.12
CA PRO A 48 1.45 28.97 0.95
C PRO A 48 2.26 27.69 0.84
N ALA A 49 1.59 26.60 0.46
CA ALA A 49 2.25 25.32 0.31
C ALA A 49 2.89 25.19 -1.07
N CYS A 50 3.54 24.05 -1.31
CA CYS A 50 4.16 23.79 -2.59
C CYS A 50 3.09 23.61 -3.66
N LYS A 51 3.22 24.35 -4.77
CA LYS A 51 2.20 24.31 -5.82
C LYS A 51 2.17 22.95 -6.52
N PHE A 52 3.34 22.35 -6.77
CA PHE A 52 3.38 21.05 -7.40
C PHE A 52 2.72 19.99 -6.51
N CYS A 53 2.99 20.06 -5.21
CA CYS A 53 2.33 19.15 -4.28
C CYS A 53 0.83 19.42 -4.21
N GLU A 54 0.44 20.70 -4.24
CA GLU A 54 -0.97 21.05 -4.22
C GLU A 54 -1.69 20.62 -5.50
N LEU A 55 -1.01 20.73 -6.64
CA LEU A 55 -1.59 20.31 -7.91
C LEU A 55 -1.54 18.80 -8.11
N GLY A 56 -0.67 18.10 -7.39
CA GLY A 56 -0.45 16.68 -7.60
C GLY A 56 0.54 16.35 -8.71
N THR A 57 1.18 17.36 -9.30
CA THR A 57 2.11 17.18 -10.42
C THR A 57 3.54 16.96 -9.96
N THR A 58 3.72 16.23 -8.86
CA THR A 58 5.02 15.86 -8.34
C THR A 58 5.03 14.35 -8.10
N CYS A 59 6.18 13.72 -8.36
CA CYS A 59 6.29 12.27 -8.26
C CYS A 59 7.63 11.91 -7.64
N ARG A 60 7.59 11.08 -6.59
CA ARG A 60 8.78 10.61 -5.89
C ARG A 60 8.84 9.09 -5.88
N ASN A 61 8.20 8.43 -6.86
CA ASN A 61 8.05 6.98 -6.89
C ASN A 61 9.31 6.24 -7.29
N CYS A 62 10.37 6.94 -7.69
CA CYS A 62 11.66 6.33 -7.96
C CYS A 62 12.73 7.42 -7.91
N ILE A 63 13.99 6.99 -7.88
CA ILE A 63 15.11 7.92 -7.77
C ILE A 63 15.70 8.29 -9.13
N MET A 64 15.08 7.85 -10.22
CA MET A 64 15.29 8.56 -11.48
C MET A 64 14.80 9.99 -11.34
N GLY A 65 13.71 10.19 -10.60
CA GLY A 65 13.23 11.50 -10.26
C GLY A 65 13.94 12.05 -9.04
N PRO A 66 13.26 12.92 -8.26
CA PRO A 66 11.85 13.30 -8.39
C PRO A 66 11.57 14.20 -9.59
N CYS A 67 10.32 14.18 -10.05
CA CYS A 67 9.90 14.88 -11.26
C CYS A 67 8.74 15.80 -10.95
N ARG A 68 8.76 16.99 -11.56
CA ARG A 68 7.66 17.94 -11.52
C ARG A 68 7.21 18.21 -12.95
N ILE A 69 5.92 18.26 -13.16
CA ILE A 69 5.37 18.56 -14.47
C ILE A 69 5.09 20.05 -14.56
N ALA A 70 5.43 20.64 -15.70
CA ALA A 70 5.27 22.06 -15.95
C ALA A 70 4.23 22.27 -17.05
N ASN A 71 3.83 23.54 -17.22
CA ASN A 71 2.86 23.91 -18.24
C ASN A 71 3.32 25.17 -18.96
N LYS A 76 9.48 22.16 -21.92
CA LYS A 76 10.22 21.22 -21.09
C LYS A 76 9.40 20.86 -19.85
N MET A 77 9.78 19.77 -19.19
CA MET A 77 9.15 19.30 -17.96
C MET A 77 7.68 18.92 -18.15
N ARG A 78 7.26 18.67 -19.39
CA ARG A 78 5.91 18.16 -19.62
C ARG A 78 5.77 16.72 -19.12
N LEU A 79 6.85 15.95 -19.18
CA LEU A 79 6.81 14.53 -18.83
C LEU A 79 7.83 14.24 -17.74
N GLY A 80 7.63 13.10 -17.06
CA GLY A 80 8.63 12.59 -16.16
C GLY A 80 9.80 11.97 -16.91
N VAL A 81 10.84 11.61 -16.14
CA VAL A 81 12.01 11.00 -16.77
C VAL A 81 11.64 9.67 -17.43
N CYS A 82 10.70 8.94 -16.84
CA CYS A 82 10.22 7.69 -17.44
C CYS A 82 9.25 7.94 -18.60
N GLY A 83 8.87 9.19 -18.86
CA GLY A 83 7.92 9.50 -19.89
C GLY A 83 6.50 9.74 -19.42
N ALA A 84 6.24 9.67 -18.11
CA ALA A 84 4.89 9.83 -17.59
C ALA A 84 4.44 11.28 -17.66
N ASP A 85 3.19 11.47 -18.09
CA ASP A 85 2.58 12.78 -18.22
C ASP A 85 1.88 13.18 -16.92
N ALA A 86 1.31 14.39 -16.91
CA ALA A 86 0.59 14.86 -15.73
C ALA A 86 -0.58 13.95 -15.37
N ASP A 87 -1.22 13.35 -16.38
CA ASP A 87 -2.37 12.48 -16.13
C ASP A 87 -1.98 11.28 -15.29
N VAL A 88 -0.97 10.53 -15.73
CA VAL A 88 -0.53 9.33 -15.01
C VAL A 88 -0.01 9.70 -13.63
N ILE A 89 0.80 10.77 -13.55
CA ILE A 89 1.41 11.15 -12.28
C ILE A 89 0.35 11.55 -11.27
N VAL A 90 -0.61 12.38 -11.69
CA VAL A 90 -1.67 12.82 -10.79
C VAL A 90 -2.55 11.65 -10.36
N ALA A 91 -2.90 10.78 -11.30
CA ALA A 91 -3.74 9.63 -10.96
C ALA A 91 -3.02 8.66 -10.03
N ARG A 92 -1.71 8.47 -10.22
CA ARG A 92 -0.97 7.57 -9.34
C ARG A 92 -0.99 8.08 -7.90
N ASN A 93 -0.68 9.37 -7.71
CA ASN A 93 -0.70 9.94 -6.37
C ASN A 93 -2.07 9.79 -5.72
N PHE A 94 -3.14 9.93 -6.53
CA PHE A 94 -4.47 9.88 -5.96
C PHE A 94 -4.88 8.46 -5.57
N GLY A 95 -4.43 7.47 -6.36
CA GLY A 95 -4.65 6.09 -5.98
C GLY A 95 -3.93 5.71 -4.70
N ARG A 96 -2.69 6.19 -4.55
CA ARG A 96 -1.97 5.93 -3.30
C ARG A 96 -2.58 6.67 -2.12
N PHE A 97 -3.12 7.87 -2.38
CA PHE A 97 -3.85 8.57 -1.33
C PHE A 97 -5.03 7.73 -0.86
N ILE A 98 -5.80 7.19 -1.80
CA ILE A 98 -6.92 6.34 -1.43
C ILE A 98 -6.45 5.06 -0.78
N ALA A 99 -5.35 4.48 -1.27
CA ALA A 99 -4.85 3.25 -0.66
C ALA A 99 -4.47 3.46 0.79
N GLY A 100 -3.88 4.63 1.10
CA GLY A 100 -3.56 4.92 2.48
C GLY A 100 -4.80 4.95 3.35
N GLY A 101 -5.89 5.54 2.84
CA GLY A 101 -7.11 5.61 3.61
C GLY A 101 -7.79 4.28 3.77
N ALA A 102 -7.84 3.50 2.68
CA ALA A 102 -8.40 2.15 2.78
C ALA A 102 -7.57 1.30 3.73
N ALA A 103 -6.26 1.48 3.73
CA ALA A 103 -5.39 0.73 4.64
C ALA A 103 -5.70 1.06 6.10
N GLY A 104 -5.99 2.33 6.40
CA GLY A 104 -6.34 2.70 7.76
C GLY A 104 -7.57 1.96 8.27
N HIS A 105 -8.61 1.88 7.44
CA HIS A 105 -9.78 1.12 7.83
C HIS A 105 -9.50 -0.38 7.83
N SER A 106 -8.78 -0.85 6.82
CA SER A 106 -8.46 -2.27 6.69
C SER A 106 -7.89 -2.85 7.98
N ASP A 107 -6.86 -2.20 8.54
CA ASP A 107 -6.23 -2.76 9.74
C ASP A 107 -7.16 -2.74 10.94
N HIS A 108 -7.95 -1.68 11.09
CA HIS A 108 -8.95 -1.64 12.15
C HIS A 108 -9.91 -2.82 12.05
N GLY A 109 -10.37 -3.13 10.82
CA GLY A 109 -11.23 -4.28 10.62
C GLY A 109 -10.54 -5.60 10.90
N ARG A 110 -9.26 -5.73 10.50
CA ARG A 110 -8.51 -6.92 10.85
C ARG A 110 -8.40 -7.06 12.36
N ASP A 111 -8.20 -5.95 13.08
CA ASP A 111 -8.13 -5.99 14.54
C ASP A 111 -9.43 -6.52 15.14
N LEU A 112 -10.57 -6.09 14.59
CA LEU A 112 -11.84 -6.60 15.07
C LEU A 112 -11.98 -8.10 14.81
N ILE A 113 -11.49 -8.59 13.66
CA ILE A 113 -11.54 -10.03 13.40
C ILE A 113 -10.73 -10.80 14.44
N GLU A 114 -9.53 -10.30 14.75
CA GLU A 114 -8.67 -10.97 15.72
C GLU A 114 -9.33 -11.04 17.08
N THR A 115 -10.05 -9.98 17.47
CA THR A 115 -10.68 -9.93 18.79
C THR A 115 -11.80 -10.97 18.92
N LEU A 116 -12.69 -11.04 17.92
CA LEU A 116 -13.76 -12.02 17.96
C LEU A 116 -13.20 -13.44 17.98
N GLU A 117 -12.11 -13.68 17.25
CA GLU A 117 -11.45 -14.97 17.31
C GLU A 117 -10.91 -15.25 18.70
N ALA A 118 -10.42 -14.22 19.39
CA ALA A 118 -9.98 -14.40 20.76
C ALA A 118 -11.16 -14.76 21.66
N VAL A 119 -12.28 -14.05 21.52
CA VAL A 119 -13.51 -14.44 22.21
C VAL A 119 -13.92 -15.84 21.80
N ALA A 120 -13.92 -16.11 20.49
CA ALA A 120 -14.38 -17.41 20.01
C ALA A 120 -13.52 -18.55 20.54
N GLU A 121 -12.23 -18.32 20.73
CA GLU A 121 -11.33 -19.33 21.25
C GLU A 121 -11.25 -19.30 22.78
N GLY A 122 -12.01 -18.43 23.42
CA GLY A 122 -11.98 -18.29 24.87
C GLY A 122 -10.66 -17.74 25.39
N LYS A 123 -10.06 -16.80 24.67
CA LYS A 123 -8.76 -16.23 25.01
C LYS A 123 -8.82 -14.72 25.11
N ALA A 124 -9.92 -14.19 25.64
CA ALA A 124 -10.14 -12.74 25.73
C ALA A 124 -10.88 -12.41 27.01
N PRO A 125 -10.16 -12.35 28.13
CA PRO A 125 -10.82 -12.09 29.43
C PRO A 125 -11.50 -10.72 29.43
N GLY A 126 -12.73 -10.69 29.92
CA GLY A 126 -13.49 -9.46 29.92
C GLY A 126 -14.22 -9.17 28.63
N TYR A 127 -13.90 -9.89 27.56
CA TYR A 127 -14.60 -9.74 26.30
C TYR A 127 -15.62 -10.86 26.14
N THR A 128 -16.81 -10.49 25.71
CA THR A 128 -17.83 -11.46 25.35
C THR A 128 -18.44 -10.99 24.04
N ILE A 129 -19.44 -11.73 23.59
CA ILE A 129 -20.26 -11.35 22.45
C ILE A 129 -21.50 -10.69 23.05
N ARG A 130 -21.57 -9.36 22.97
CA ARG A 130 -22.70 -8.65 23.54
C ARG A 130 -23.97 -8.88 22.73
N ASP A 131 -23.86 -8.89 21.41
CA ASP A 131 -25.03 -9.06 20.54
C ASP A 131 -24.92 -10.40 19.82
N VAL A 132 -25.37 -11.45 20.50
CA VAL A 132 -25.46 -12.77 19.90
C VAL A 132 -26.46 -12.78 18.75
N ALA A 133 -27.56 -12.04 18.90
CA ALA A 133 -28.58 -12.03 17.86
C ALA A 133 -27.99 -11.50 16.55
N LYS A 134 -27.21 -10.41 16.62
CA LYS A 134 -26.59 -9.89 15.41
C LYS A 134 -25.52 -10.86 14.89
N LEU A 135 -24.78 -11.50 15.79
CA LEU A 135 -23.80 -12.49 15.34
C LEU A 135 -24.49 -13.55 14.49
N ARG A 136 -25.56 -14.15 15.01
CA ARG A 136 -26.26 -15.18 14.26
C ARG A 136 -26.81 -14.65 12.95
N ARG A 137 -27.34 -13.43 12.96
CA ARG A 137 -27.87 -12.86 11.72
C ARG A 137 -26.77 -12.60 10.70
N ILE A 138 -25.65 -12.02 11.13
CA ILE A 138 -24.56 -11.77 10.20
C ILE A 138 -23.97 -13.08 9.69
N ALA A 139 -23.75 -14.02 10.60
CA ALA A 139 -23.24 -15.33 10.20
C ALA A 139 -24.15 -15.99 9.18
N ALA A 140 -25.45 -16.01 9.46
CA ALA A 140 -26.41 -16.53 8.49
C ALA A 140 -26.36 -15.77 7.19
N GLU A 141 -26.24 -14.44 7.26
CA GLU A 141 -26.20 -13.62 6.04
C GLU A 141 -25.00 -13.99 5.16
N LEU A 142 -23.84 -14.24 5.78
CA LEU A 142 -22.63 -14.55 5.04
C LEU A 142 -22.45 -16.03 4.76
N GLY A 143 -23.43 -16.87 5.10
CA GLY A 143 -23.44 -18.25 4.66
C GLY A 143 -23.06 -19.29 5.68
N VAL A 144 -22.83 -18.91 6.94
CA VAL A 144 -22.52 -19.89 7.98
C VAL A 144 -23.72 -20.80 8.17
N ALA A 145 -23.47 -22.10 8.13
CA ALA A 145 -24.55 -23.08 8.23
C ALA A 145 -25.07 -23.16 9.66
N ASP A 146 -26.40 -23.19 9.80
CA ASP A 146 -27.06 -23.35 11.09
C ASP A 146 -26.61 -22.29 12.10
N ALA A 147 -26.35 -21.07 11.60
CA ALA A 147 -25.95 -19.98 12.48
C ALA A 147 -27.00 -19.64 13.53
N ALA A 148 -28.27 -20.00 13.28
CA ALA A 148 -29.34 -19.64 14.19
C ALA A 148 -29.33 -20.45 15.47
N THR A 149 -28.88 -21.71 15.42
CA THR A 149 -29.07 -22.63 16.53
C THR A 149 -27.81 -23.31 17.05
N ARG A 150 -26.65 -23.05 16.44
CA ARG A 150 -25.42 -23.69 16.89
C ARG A 150 -24.78 -22.86 18.00
N PRO A 151 -23.86 -23.46 18.76
CA PRO A 151 -23.19 -22.69 19.83
C PRO A 151 -22.56 -21.41 19.31
N ALA A 152 -22.69 -20.34 20.08
CA ALA A 152 -22.31 -19.02 19.61
C ALA A 152 -20.82 -18.94 19.27
N HIS A 153 -19.96 -19.58 20.07
CA HIS A 153 -18.52 -19.51 19.82
C HIS A 153 -18.15 -20.23 18.54
N ASP A 154 -18.86 -21.30 18.18
CA ASP A 154 -18.63 -21.93 16.89
C ASP A 154 -19.11 -21.05 15.77
N VAL A 155 -20.32 -20.50 15.91
CA VAL A 155 -20.84 -19.55 14.94
C VAL A 155 -19.88 -18.39 14.76
N ALA A 156 -19.33 -17.88 15.88
CA ALA A 156 -18.36 -16.79 15.80
C ALA A 156 -17.11 -17.23 15.04
N ALA A 157 -16.61 -18.43 15.35
CA ALA A 157 -15.39 -18.92 14.69
C ALA A 157 -15.58 -19.08 13.18
N ASP A 158 -16.75 -19.56 12.76
CA ASP A 158 -17.02 -19.69 11.33
C ASP A 158 -17.10 -18.33 10.66
N LEU A 159 -17.72 -17.35 11.32
CA LEU A 159 -17.77 -16.00 10.77
C LEU A 159 -16.37 -15.40 10.71
N VAL A 160 -15.55 -15.68 11.72
CA VAL A 160 -14.16 -15.24 11.69
C VAL A 160 -13.47 -15.75 10.43
N THR A 161 -13.73 -17.01 10.05
CA THR A 161 -13.12 -17.57 8.86
C THR A 161 -13.56 -16.84 7.60
N ILE A 162 -14.86 -16.56 7.48
CA ILE A 162 -15.37 -15.85 6.31
C ILE A 162 -14.71 -14.48 6.18
N CYS A 163 -14.62 -13.75 7.30
CA CYS A 163 -14.01 -12.43 7.27
C CYS A 163 -12.54 -12.51 6.90
N TYR A 164 -11.81 -13.44 7.52
CA TYR A 164 -10.40 -13.61 7.18
C TYR A 164 -10.22 -13.95 5.71
N ASN A 165 -11.17 -14.68 5.12
CA ASN A 165 -11.07 -14.99 3.70
C ASN A 165 -11.19 -13.73 2.84
N ASP A 166 -11.98 -12.75 3.29
CA ASP A 166 -12.03 -11.48 2.59
C ASP A 166 -10.74 -10.69 2.75
N PHE A 167 -9.91 -11.01 3.76
CA PHE A 167 -8.55 -10.53 3.84
C PHE A 167 -7.57 -11.49 3.18
N GLY A 168 -8.09 -12.45 2.41
CA GLY A 168 -7.26 -13.34 1.61
C GLY A 168 -7.31 -12.98 0.14
N SER A 169 -6.82 -13.90 -0.67
CA SER A 169 -6.61 -13.63 -2.09
C SER A 169 -7.25 -14.67 -2.99
N ARG A 170 -8.30 -15.37 -2.53
CA ARG A 170 -8.96 -16.40 -3.31
C ARG A 170 -10.43 -16.12 -3.58
N ARG A 171 -10.95 -14.97 -3.18
CA ARG A 171 -12.34 -14.61 -3.45
C ARG A 171 -12.44 -13.83 -4.75
N ASN A 172 -13.57 -13.99 -5.43
CA ASN A 172 -13.87 -13.15 -6.58
C ASN A 172 -14.65 -11.90 -6.20
N ALA A 173 -15.19 -11.83 -4.99
CA ALA A 173 -15.91 -10.67 -4.51
C ALA A 173 -16.03 -10.78 -3.00
N LEU A 174 -15.94 -9.64 -2.31
CA LEU A 174 -16.06 -9.63 -0.87
C LEU A 174 -17.45 -10.11 -0.43
N ALA A 175 -17.51 -10.64 0.80
CA ALA A 175 -18.74 -11.27 1.29
C ALA A 175 -19.89 -10.26 1.39
N PHE A 176 -19.64 -9.10 1.99
CA PHE A 176 -20.72 -8.13 2.21
C PHE A 176 -21.24 -7.51 0.93
N LEU A 177 -20.59 -7.76 -0.21
CA LEU A 177 -21.00 -7.13 -1.45
C LEU A 177 -22.38 -7.57 -1.90
N ALA A 178 -22.87 -8.69 -1.38
CA ALA A 178 -24.19 -9.19 -1.78
C ALA A 178 -25.31 -8.29 -1.28
N ARG A 179 -25.03 -7.42 -0.30
CA ARG A 179 -26.01 -6.43 0.13
C ARG A 179 -26.35 -5.47 -0.99
N ALA A 180 -25.43 -5.23 -1.90
CA ALA A 180 -25.68 -4.29 -2.98
C ALA A 180 -26.71 -4.87 -3.93
N PRO A 181 -27.56 -4.02 -4.52
CA PRO A 181 -28.49 -4.50 -5.55
C PRO A 181 -27.74 -5.14 -6.71
N GLN A 182 -28.40 -6.14 -7.32
CA GLN A 182 -27.80 -6.89 -8.40
C GLN A 182 -27.33 -6.00 -9.53
N VAL A 183 -28.15 -5.02 -9.91
CA VAL A 183 -27.76 -4.08 -10.97
C VAL A 183 -26.43 -3.41 -10.66
N ARG A 184 -26.23 -3.06 -9.39
CA ARG A 184 -24.98 -2.43 -8.98
C ARG A 184 -23.82 -3.42 -9.03
N ARG A 185 -24.05 -4.66 -8.59
CA ARG A 185 -23.01 -5.68 -8.68
C ARG A 185 -22.64 -5.98 -10.12
N ASP A 186 -23.63 -6.03 -11.02
CA ASP A 186 -23.34 -6.27 -12.42
C ASP A 186 -22.52 -5.14 -13.03
N LEU A 187 -22.77 -3.90 -12.60
CA LEU A 187 -22.04 -2.75 -13.13
C LEU A 187 -20.58 -2.81 -12.72
N TRP A 188 -20.31 -3.03 -11.43
CA TRP A 188 -18.94 -3.18 -10.96
C TRP A 188 -18.19 -4.26 -11.73
N GLN A 189 -18.82 -5.44 -11.90
CA GLN A 189 -18.15 -6.54 -12.59
C GLN A 189 -17.79 -6.17 -14.02
N ARG A 190 -18.74 -5.57 -14.76
CA ARG A 190 -18.44 -5.11 -16.11
C ARG A 190 -17.28 -4.13 -16.12
N LEU A 191 -17.23 -3.22 -15.15
CA LEU A 191 -16.25 -2.15 -15.16
C LEU A 191 -14.88 -2.59 -14.67
N GLY A 192 -14.80 -3.76 -14.02
CA GLY A 192 -13.56 -4.19 -13.40
C GLY A 192 -13.34 -3.67 -12.01
N MET A 193 -14.41 -3.35 -11.29
CA MET A 193 -14.32 -2.70 -9.98
C MET A 193 -14.64 -3.61 -8.82
N THR A 194 -15.07 -4.85 -9.07
CA THR A 194 -15.51 -5.70 -7.98
C THR A 194 -14.38 -5.92 -6.99
N PRO A 195 -14.53 -5.51 -5.73
CA PRO A 195 -13.47 -5.73 -4.74
C PRO A 195 -13.36 -7.20 -4.39
N ARG A 196 -12.16 -7.75 -4.55
CA ARG A 196 -11.92 -9.18 -4.37
C ARG A 196 -11.35 -9.50 -2.99
N GLY A 197 -10.48 -8.67 -2.47
CA GLY A 197 -9.92 -8.86 -1.14
C GLY A 197 -9.49 -7.54 -0.58
N VAL A 198 -9.63 -7.40 0.74
CA VAL A 198 -9.32 -6.13 1.40
C VAL A 198 -7.85 -5.75 1.20
N ASP A 199 -6.94 -6.57 1.71
CA ASP A 199 -5.53 -6.28 1.53
C ASP A 199 -5.10 -6.38 0.08
N ARG A 200 -5.72 -7.28 -0.68
CA ARG A 200 -5.31 -7.49 -2.07
C ARG A 200 -5.40 -6.21 -2.89
N GLU A 201 -6.52 -5.48 -2.76
CA GLU A 201 -6.68 -4.29 -3.59
C GLU A 201 -5.73 -3.18 -3.21
N ILE A 202 -5.38 -3.10 -1.92
CA ILE A 202 -4.39 -2.12 -1.47
C ILE A 202 -3.04 -2.42 -2.11
N ALA A 203 -2.62 -3.68 -2.07
CA ALA A 203 -1.35 -4.05 -2.68
C ALA A 203 -1.39 -3.85 -4.19
N GLU A 204 -2.49 -4.23 -4.85
CA GLU A 204 -2.58 -4.03 -6.29
C GLU A 204 -2.50 -2.54 -6.64
N MET A 205 -3.07 -1.68 -5.80
CA MET A 205 -2.94 -0.24 -6.04
C MET A 205 -1.48 0.18 -5.95
N MET A 206 -0.78 -0.27 -4.91
CA MET A 206 0.63 0.07 -4.76
C MET A 206 1.46 -0.50 -5.90
N HIS A 207 1.10 -1.70 -6.37
CA HIS A 207 1.76 -2.29 -7.52
C HIS A 207 1.54 -1.42 -8.76
N ARG A 208 0.28 -1.08 -9.05
CA ARG A 208 -0.03 -0.30 -10.25
C ARG A 208 0.70 1.04 -10.25
N THR A 209 0.91 1.65 -9.09
CA THR A 209 1.56 2.95 -9.03
C THR A 209 3.09 2.88 -9.04
N HIS A 210 3.68 1.69 -9.09
CA HIS A 210 5.11 1.56 -9.30
C HIS A 210 5.46 2.01 -10.72
N MET A 211 6.68 2.52 -10.89
CA MET A 211 7.16 2.97 -12.19
C MET A 211 6.94 1.89 -13.25
N GLY A 212 6.43 2.31 -14.40
CA GLY A 212 6.33 1.43 -15.55
C GLY A 212 5.31 0.33 -15.43
N CYS A 213 4.24 0.54 -14.65
CA CYS A 213 3.17 -0.43 -14.52
C CYS A 213 1.92 0.12 -15.16
N ASP A 214 0.96 0.62 -14.39
CA ASP A 214 -0.27 1.19 -14.95
C ASP A 214 0.00 2.63 -15.33
N ASN A 215 0.03 2.91 -16.63
CA ASN A 215 0.24 4.25 -17.15
C ASN A 215 -0.97 4.74 -17.93
N ASP A 216 -2.17 4.39 -17.45
CA ASP A 216 -3.43 4.86 -18.01
C ASP A 216 -4.27 5.42 -16.86
N HIS A 217 -4.56 6.72 -16.91
CA HIS A 217 -5.23 7.38 -15.80
C HIS A 217 -6.62 6.82 -15.55
N THR A 218 -7.30 6.34 -16.59
CA THR A 218 -8.61 5.74 -16.40
C THR A 218 -8.51 4.45 -15.59
N SER A 219 -7.62 3.55 -16.02
CA SER A 219 -7.42 2.30 -15.28
C SER A 219 -7.02 2.56 -13.84
N LEU A 220 -6.19 3.58 -13.62
CA LEU A 220 -5.79 3.90 -12.25
C LEU A 220 -6.98 4.35 -11.42
N LEU A 221 -7.83 5.21 -11.98
CA LEU A 221 -9.02 5.65 -11.26
C LEU A 221 -9.98 4.49 -11.02
N VAL A 222 -10.12 3.60 -12.00
CA VAL A 222 -10.97 2.42 -11.83
C VAL A 222 -10.52 1.60 -10.62
N HIS A 223 -9.22 1.30 -10.54
CA HIS A 223 -8.75 0.49 -9.43
C HIS A 223 -8.79 1.24 -8.12
N ALA A 224 -8.55 2.55 -8.14
CA ALA A 224 -8.77 3.34 -6.92
C ALA A 224 -10.20 3.20 -6.44
N ALA A 225 -11.15 3.24 -7.38
CA ALA A 225 -12.54 2.98 -7.01
C ALA A 225 -12.70 1.56 -6.47
N ARG A 226 -12.03 0.59 -7.10
CA ARG A 226 -12.04 -0.78 -6.60
C ARG A 226 -11.45 -0.85 -5.20
N THR A 227 -10.35 -0.14 -4.97
CA THR A 227 -9.71 -0.18 -3.66
C THR A 227 -10.60 0.43 -2.58
N ALA A 228 -11.27 1.54 -2.89
CA ALA A 228 -12.14 2.17 -1.90
C ALA A 228 -13.37 1.31 -1.63
N LEU A 229 -13.88 0.64 -2.66
CA LEU A 229 -14.98 -0.31 -2.43
C LEU A 229 -14.54 -1.48 -1.54
N ALA A 230 -13.27 -1.87 -1.62
CA ALA A 230 -12.79 -2.92 -0.72
C ALA A 230 -12.79 -2.45 0.73
N ASP A 231 -12.71 -1.13 0.94
CA ASP A 231 -12.86 -0.56 2.27
C ASP A 231 -14.33 -0.54 2.69
N GLY A 232 -15.17 0.21 1.95
CA GLY A 232 -16.54 0.43 2.38
C GLY A 232 -17.36 -0.84 2.49
N TRP A 233 -17.16 -1.77 1.56
CA TRP A 233 -17.86 -3.04 1.59
C TRP A 233 -17.03 -4.16 2.21
N GLY A 234 -15.83 -3.84 2.70
CA GLY A 234 -14.95 -4.84 3.27
C GLY A 234 -14.39 -4.42 4.62
N GLY A 235 -13.26 -3.71 4.60
CA GLY A 235 -12.60 -3.28 5.82
C GLY A 235 -13.52 -2.54 6.80
N SER A 236 -14.15 -1.46 6.34
CA SER A 236 -15.01 -0.68 7.21
C SER A 236 -16.27 -1.47 7.60
N MET A 237 -16.84 -2.22 6.66
CA MET A 237 -18.08 -2.92 6.95
C MET A 237 -17.86 -4.06 7.94
N ILE A 238 -16.81 -4.86 7.73
CA ILE A 238 -16.44 -5.87 8.72
C ILE A 238 -16.16 -5.21 10.06
N GLY A 239 -15.49 -4.06 10.05
CA GLY A 239 -15.21 -3.36 11.28
C GLY A 239 -16.47 -2.95 12.02
N THR A 240 -17.46 -2.41 11.30
CA THR A 240 -18.70 -1.99 11.95
C THR A 240 -19.43 -3.20 12.53
N GLU A 241 -19.64 -4.23 11.72
CA GLU A 241 -20.53 -5.30 12.13
C GLU A 241 -19.93 -6.14 13.26
N LEU A 242 -18.62 -6.43 13.20
CA LEU A 242 -18.00 -7.14 14.29
C LEU A 242 -17.95 -6.31 15.57
N SER A 243 -17.79 -4.99 15.44
CA SER A 243 -17.82 -4.13 16.62
C SER A 243 -19.16 -4.24 17.34
N ASP A 244 -20.27 -4.19 16.59
CA ASP A 244 -21.59 -4.37 17.21
C ASP A 244 -21.70 -5.75 17.84
N ILE A 245 -21.17 -6.77 17.17
CA ILE A 245 -21.22 -8.12 17.72
C ILE A 245 -20.51 -8.18 19.06
N LEU A 246 -19.36 -7.53 19.16
CA LEU A 246 -18.53 -7.62 20.35
C LEU A 246 -18.93 -6.65 21.44
N PHE A 247 -19.40 -5.45 21.09
CA PHE A 247 -19.61 -4.39 22.06
C PHE A 247 -21.06 -3.94 22.19
N GLY A 248 -21.96 -4.46 21.37
CA GLY A 248 -23.37 -4.11 21.44
C GLY A 248 -23.76 -3.28 20.24
N THR A 249 -24.96 -3.52 19.73
CA THR A 249 -25.49 -2.71 18.63
C THR A 249 -26.07 -1.42 19.18
N PRO A 250 -25.68 -0.25 18.65
CA PRO A 250 -26.14 1.02 19.22
C PRO A 250 -27.65 1.19 19.14
N ARG A 251 -28.23 1.68 20.25
CA ARG A 251 -29.62 2.06 20.42
C ARG A 251 -29.69 3.57 20.72
N PRO A 252 -30.81 4.22 20.42
CA PRO A 252 -30.89 5.67 20.62
C PRO A 252 -30.76 6.03 22.10
N ARG A 253 -29.96 7.04 22.39
CA ARG A 253 -29.67 7.40 23.78
C ARG A 253 -29.19 8.84 23.86
N GLN A 254 -29.27 9.40 25.06
CA GLN A 254 -28.90 10.78 25.32
C GLN A 254 -27.48 10.86 25.87
N SER A 255 -26.85 12.01 25.67
CA SER A 255 -25.50 12.27 26.17
C SER A 255 -25.20 13.77 26.03
N THR A 256 -23.99 14.15 26.40
CA THR A 256 -23.55 15.54 26.30
C THR A 256 -22.32 15.64 25.41
N VAL A 257 -22.03 16.87 24.96
CA VAL A 257 -20.93 17.16 24.05
C VAL A 257 -20.19 18.41 24.53
N ASN A 258 -19.01 18.63 23.96
CA ASN A 258 -18.10 19.76 24.16
C ASN A 258 -17.11 19.58 25.31
N LEU A 259 -16.16 20.52 25.45
CA LEU A 259 -15.14 20.39 26.49
C LEU A 259 -15.73 20.41 27.90
N GLY A 260 -16.97 20.88 28.06
CA GLY A 260 -17.61 20.86 29.37
C GLY A 260 -17.84 19.47 29.92
N VAL A 261 -17.66 18.43 29.10
CA VAL A 261 -17.76 17.06 29.61
C VAL A 261 -16.68 16.78 30.64
N LEU A 262 -15.55 17.48 30.52
CA LEU A 262 -14.47 17.32 31.49
C LEU A 262 -14.90 17.92 32.82
N ARG A 263 -14.78 17.13 33.89
CA ARG A 263 -15.16 17.56 35.23
C ARG A 263 -13.92 17.98 36.00
N LYS A 264 -13.98 19.15 36.63
CA LYS A 264 -12.86 19.62 37.44
C LYS A 264 -12.67 18.74 38.68
N ASP A 265 -13.75 18.11 39.16
CA ASP A 265 -13.71 17.31 40.38
C ASP A 265 -13.42 15.83 40.14
N ALA A 266 -13.21 15.41 38.89
CA ALA A 266 -13.04 14.01 38.58
C ALA A 266 -11.73 13.78 37.83
N VAL A 267 -11.25 12.54 37.90
CA VAL A 267 -10.11 12.12 37.08
C VAL A 267 -10.59 11.99 35.64
N ASN A 268 -9.96 12.75 34.74
CA ASN A 268 -10.41 12.87 33.36
C ASN A 268 -9.53 12.01 32.46
N ILE A 269 -10.09 10.93 31.93
CA ILE A 269 -9.42 10.06 30.97
C ILE A 269 -10.05 10.32 29.61
N LEU A 270 -9.22 10.58 28.62
CA LEU A 270 -9.66 10.87 27.26
C LEU A 270 -9.19 9.75 26.35
N VAL A 271 -10.12 8.99 25.79
CA VAL A 271 -9.80 7.98 24.80
C VAL A 271 -9.82 8.63 23.42
N HIS A 272 -8.77 8.40 22.65
CA HIS A 272 -8.57 9.07 21.38
C HIS A 272 -8.09 8.05 20.36
N GLY A 273 -8.57 8.17 19.13
CA GLY A 273 -8.23 7.21 18.09
C GLY A 273 -9.44 6.51 17.51
N HIS A 274 -9.40 5.16 17.46
CA HIS A 274 -10.40 4.38 16.74
C HIS A 274 -10.81 3.08 17.39
N ASN A 275 -9.92 2.38 18.11
CA ASN A 275 -10.18 0.99 18.47
C ASN A 275 -11.13 0.89 19.67
N PRO A 276 -12.32 0.31 19.51
CA PRO A 276 -13.19 0.11 20.69
C PRO A 276 -12.72 -1.03 21.56
N VAL A 277 -11.87 -1.92 21.04
CA VAL A 277 -11.29 -3.01 21.84
C VAL A 277 -10.63 -2.46 23.09
N VAL A 278 -10.03 -1.27 22.98
CA VAL A 278 -9.35 -0.63 24.10
C VAL A 278 -10.29 0.24 24.91
N SER A 279 -11.05 1.11 24.24
CA SER A 279 -11.84 2.11 24.95
C SER A 279 -12.96 1.48 25.77
N GLU A 280 -13.59 0.42 25.26
CA GLU A 280 -14.59 -0.28 26.05
C GLU A 280 -13.98 -1.02 27.24
N MET A 281 -12.68 -1.34 27.17
CA MET A 281 -12.00 -1.94 28.32
C MET A 281 -11.47 -0.87 29.27
N ILE A 282 -11.19 0.34 28.79
CA ILE A 282 -10.89 1.45 29.69
C ILE A 282 -12.12 1.83 30.49
N LEU A 283 -13.29 1.80 29.84
CA LEU A 283 -14.54 2.14 30.54
C LEU A 283 -14.86 1.10 31.61
N ALA A 284 -14.69 -0.18 31.30
CA ALA A 284 -14.98 -1.23 32.27
C ALA A 284 -14.03 -1.19 33.46
N ALA A 285 -12.76 -0.82 33.23
CA ALA A 285 -11.80 -0.72 34.32
C ALA A 285 -12.13 0.44 35.25
N THR A 286 -12.67 1.54 34.71
CA THR A 286 -13.07 2.65 35.57
C THR A 286 -14.28 2.29 36.42
N ARG A 287 -15.12 1.36 35.95
CA ARG A 287 -16.25 0.88 36.71
C ARG A 287 -15.87 -0.19 37.73
N GLU A 288 -14.60 -0.56 37.82
CA GLU A 288 -14.19 -1.54 38.81
C GLU A 288 -14.28 -0.93 40.20
N PRO A 289 -14.66 -1.71 41.21
CA PRO A 289 -14.78 -1.16 42.56
C PRO A 289 -13.46 -0.69 43.15
N ALA A 290 -12.37 -1.45 42.94
CA ALA A 290 -11.08 -1.08 43.51
C ALA A 290 -10.51 0.17 42.84
N VAL A 291 -10.69 0.29 41.52
CA VAL A 291 -10.19 1.46 40.80
C VAL A 291 -10.99 2.70 41.18
N ARG A 292 -12.32 2.62 41.13
CA ARG A 292 -13.17 3.73 41.54
C ARG A 292 -12.94 4.15 42.98
N GLN A 293 -12.46 3.23 43.83
CA GLN A 293 -12.12 3.60 45.20
C GLN A 293 -10.96 4.59 45.23
N ALA A 294 -10.00 4.44 44.30
CA ALA A 294 -8.84 5.33 44.25
C ALA A 294 -9.21 6.70 43.68
N ASP A 297 -9.51 8.67 46.66
CA ASP A 297 -8.33 8.50 47.49
C ASP A 297 -7.31 9.61 47.27
N ALA A 298 -7.47 10.35 46.18
CA ALA A 298 -6.56 11.43 45.83
C ALA A 298 -7.28 12.76 45.63
N GLY A 299 -8.46 12.91 46.22
CA GLY A 299 -9.31 14.05 45.92
C GLY A 299 -10.00 13.85 44.58
N ALA A 300 -10.65 12.70 44.42
CA ALA A 300 -11.31 12.34 43.18
C ALA A 300 -12.78 12.05 43.49
N ALA A 301 -13.67 12.85 42.89
CA ALA A 301 -15.10 12.62 43.08
C ALA A 301 -15.57 11.41 42.28
N ASP A 302 -15.02 11.22 41.09
CA ASP A 302 -15.35 10.07 40.25
C ASP A 302 -14.24 9.91 39.22
N ILE A 303 -14.39 8.91 38.35
CA ILE A 303 -13.49 8.69 37.24
C ILE A 303 -14.27 9.03 35.97
N ASN A 304 -13.95 10.17 35.37
CA ASN A 304 -14.70 10.68 34.22
C ASN A 304 -14.01 10.25 32.93
N VAL A 305 -14.75 9.53 32.08
CA VAL A 305 -14.25 9.11 30.77
C VAL A 305 -14.99 9.93 29.71
N ALA A 306 -14.22 10.53 28.81
CA ALA A 306 -14.77 11.31 27.71
C ALA A 306 -14.18 10.85 26.40
N GLY A 307 -14.92 11.07 25.32
CA GLY A 307 -14.55 10.56 24.01
C GLY A 307 -13.83 11.57 23.15
N LEU A 308 -13.01 11.05 22.24
CA LEU A 308 -12.35 11.83 21.20
C LEU A 308 -12.36 11.03 19.92
N CYS A 309 -12.44 11.73 18.80
CA CYS A 309 -12.27 11.15 17.45
C CYS A 309 -13.32 10.05 17.25
N CYS A 310 -12.93 8.92 16.64
CA CYS A 310 -13.86 7.86 16.28
C CYS A 310 -14.12 6.88 17.42
N THR A 311 -13.08 6.58 18.22
CA THR A 311 -13.30 5.75 19.41
C THR A 311 -14.25 6.44 20.39
N GLY A 312 -14.27 7.77 20.40
CA GLY A 312 -15.26 8.48 21.20
C GLY A 312 -16.65 8.41 20.58
N ASN A 313 -16.74 8.64 19.26
CA ASN A 313 -17.98 8.43 18.54
C ASN A 313 -18.59 7.07 18.85
N GLU A 314 -17.76 6.02 18.83
CA GLU A 314 -18.28 4.67 19.01
C GLU A 314 -18.60 4.37 20.48
N LEU A 315 -17.80 4.90 21.41
CA LEU A 315 -18.15 4.79 22.82
C LEU A 315 -19.43 5.57 23.12
N LEU A 316 -19.65 6.67 22.42
CA LEU A 316 -20.91 7.40 22.53
C LEU A 316 -22.07 6.56 22.00
N MET A 317 -21.89 5.93 20.83
CA MET A 317 -22.94 5.14 20.22
C MET A 317 -23.35 3.97 21.11
N ARG A 318 -22.38 3.27 21.68
CA ARG A 318 -22.67 2.03 22.41
C ARG A 318 -22.77 2.20 23.92
N GLN A 319 -22.28 3.32 24.48
CA GLN A 319 -22.31 3.51 25.92
C GLN A 319 -22.86 4.86 26.37
N GLY A 320 -23.16 5.78 25.46
CA GLY A 320 -23.63 7.10 25.86
C GLY A 320 -22.58 7.98 26.50
N ILE A 321 -21.31 7.62 26.37
CA ILE A 321 -20.23 8.36 27.03
C ILE A 321 -20.09 9.73 26.37
N PRO A 322 -20.01 10.81 27.15
CA PRO A 322 -19.92 12.15 26.55
C PRO A 322 -18.64 12.34 25.75
N MET A 323 -18.71 13.20 24.73
CA MET A 323 -17.58 13.47 23.85
C MET A 323 -17.04 14.87 24.08
N ALA A 324 -15.70 14.97 24.21
CA ALA A 324 -15.06 16.24 24.50
C ALA A 324 -14.94 17.12 23.26
N GLY A 325 -14.76 16.53 22.09
CA GLY A 325 -14.64 17.32 20.89
C GLY A 325 -14.19 16.49 19.72
N ASN A 326 -14.08 17.15 18.58
CA ASN A 326 -13.67 16.53 17.33
C ASN A 326 -12.19 16.73 17.06
N HIS A 327 -11.81 16.71 15.78
CA HIS A 327 -10.40 16.68 15.37
C HIS A 327 -9.62 17.85 15.95
N LEU A 328 -10.06 19.08 15.66
CA LEU A 328 -9.33 20.26 16.12
C LEU A 328 -9.52 20.57 17.60
N MET A 329 -10.50 19.96 18.27
CA MET A 329 -10.68 20.17 19.70
C MET A 329 -9.71 19.35 20.55
N THR A 330 -8.94 18.44 19.94
CA THR A 330 -8.09 17.54 20.72
C THR A 330 -6.96 18.27 21.42
N GLU A 331 -6.25 19.14 20.68
CA GLU A 331 -5.19 19.92 21.32
C GLU A 331 -5.76 20.86 22.37
N LEU A 332 -6.90 21.48 22.07
CA LEU A 332 -7.54 22.39 23.01
C LEU A 332 -8.13 21.66 24.21
N ALA A 333 -8.40 20.36 24.07
CA ALA A 333 -8.85 19.58 25.22
C ALA A 333 -7.76 19.49 26.28
N ILE A 334 -6.50 19.33 25.85
CA ILE A 334 -5.40 19.21 26.79
C ILE A 334 -5.07 20.55 27.44
N VAL A 335 -5.21 21.65 26.68
CA VAL A 335 -4.90 22.99 27.18
C VAL A 335 -5.80 23.40 28.33
N THR A 336 -6.98 22.79 28.47
CA THR A 336 -7.87 23.10 29.57
C THR A 336 -7.20 22.90 30.93
N GLY A 337 -6.13 22.12 30.99
CA GLY A 337 -5.47 21.82 32.25
C GLY A 337 -6.15 20.75 33.07
N ALA A 338 -7.16 20.07 32.53
CA ALA A 338 -7.88 19.05 33.27
C ALA A 338 -7.76 17.66 32.67
N ALA A 339 -7.19 17.51 31.47
CA ALA A 339 -6.98 16.19 30.90
C ALA A 339 -5.86 15.49 31.67
N ASP A 340 -6.22 14.45 32.41
CA ASP A 340 -5.22 13.73 33.20
C ASP A 340 -4.48 12.68 32.39
N ALA A 341 -5.11 12.13 31.36
CA ALA A 341 -4.47 11.13 30.52
C ALA A 341 -5.13 11.13 29.15
N ILE A 342 -4.33 10.78 28.14
CA ILE A 342 -4.83 10.53 26.79
C ILE A 342 -4.47 9.09 26.45
N VAL A 343 -5.48 8.26 26.24
CA VAL A 343 -5.28 6.86 25.87
C VAL A 343 -5.50 6.76 24.37
N ALA A 344 -4.43 6.61 23.62
CA ALA A 344 -4.46 6.63 22.17
C ALA A 344 -4.14 5.25 21.60
N ASP A 345 -4.59 5.03 20.37
CA ASP A 345 -4.23 3.80 19.66
C ASP A 345 -3.63 4.11 18.29
N TYR A 346 -4.45 4.35 17.27
CA TYR A 346 -3.95 4.63 15.94
C TYR A 346 -4.96 5.47 15.17
N GLN A 347 -4.45 6.19 14.17
CA GLN A 347 -5.24 6.95 13.20
C GLN A 347 -5.74 8.30 13.73
N CYS A 348 -5.32 9.38 13.08
CA CYS A 348 -5.81 10.75 13.31
C CYS A 348 -5.41 11.30 14.66
N ILE A 349 -4.38 10.76 15.29
CA ILE A 349 -3.88 11.23 16.57
C ILE A 349 -2.65 12.08 16.27
N MET A 350 -2.81 13.39 16.35
CA MET A 350 -1.73 14.30 15.99
C MET A 350 -0.55 14.12 16.94
N PRO A 351 0.68 13.94 16.43
CA PRO A 351 1.83 13.80 17.32
C PRO A 351 2.09 15.02 18.17
N SER A 352 1.52 16.17 17.83
CA SER A 352 1.70 17.36 18.65
C SER A 352 1.09 17.18 20.05
N LEU A 353 0.16 16.23 20.20
CA LEU A 353 -0.45 16.00 21.50
C LEU A 353 0.58 15.65 22.56
N VAL A 354 1.62 14.91 22.18
CA VAL A 354 2.65 14.51 23.14
C VAL A 354 3.39 15.73 23.68
N GLN A 355 3.65 16.72 22.83
CA GLN A 355 4.36 17.92 23.27
C GLN A 355 3.47 18.82 24.12
N ILE A 356 2.21 18.98 23.72
CA ILE A 356 1.29 19.83 24.47
C ILE A 356 0.98 19.21 25.83
N ALA A 357 0.77 17.88 25.87
CA ALA A 357 0.57 17.20 27.14
C ALA A 357 1.79 17.35 28.05
N ALA A 358 2.99 17.44 27.47
CA ALA A 358 4.19 17.64 28.27
C ALA A 358 4.18 18.98 28.98
N CYS A 359 3.54 19.99 28.38
CA CYS A 359 3.42 21.30 29.04
C CYS A 359 2.59 21.21 30.31
N TYR A 360 1.80 20.16 30.47
CA TYR A 360 1.02 19.98 31.69
C TYR A 360 1.44 18.72 32.44
N HIS A 361 0.47 18.05 33.06
CA HIS A 361 0.68 16.81 33.79
C HIS A 361 0.18 15.59 33.03
N THR A 362 -0.45 15.79 31.88
CA THR A 362 -1.16 14.71 31.19
C THR A 362 -0.20 13.59 30.81
N ARG A 363 -0.60 12.37 31.12
CA ARG A 363 0.14 11.18 30.70
C ARG A 363 -0.43 10.73 29.36
N PHE A 364 0.36 10.87 28.30
CA PHE A 364 -0.05 10.45 26.96
C PHE A 364 0.28 8.97 26.82
N VAL A 365 -0.75 8.13 26.78
CA VAL A 365 -0.61 6.68 26.77
C VAL A 365 -1.04 6.13 25.41
N THR A 366 -0.20 5.29 24.81
CA THR A 366 -0.49 4.62 23.55
C THR A 366 -0.66 3.12 23.79
N THR A 367 -1.56 2.50 23.04
CA THR A 367 -1.92 1.11 23.24
C THR A 367 -1.73 0.22 22.02
N SER A 368 -1.49 0.79 20.86
CA SER A 368 -1.43 -0.13 19.74
C SER A 368 0.03 -0.36 19.34
N PRO A 369 0.36 -1.58 18.90
CA PRO A 369 1.68 -1.79 18.29
C PRO A 369 1.85 -1.02 16.99
N LYS A 370 0.75 -0.67 16.33
CA LYS A 370 0.79 0.06 15.07
C LYS A 370 0.82 1.58 15.27
N GLY A 371 0.34 2.07 16.41
CA GLY A 371 0.35 3.50 16.69
C GLY A 371 1.38 3.90 17.71
N ARG A 372 2.63 4.06 17.27
CA ARG A 372 3.73 4.42 18.15
C ARG A 372 4.03 5.91 18.00
N PHE A 373 4.23 6.59 19.14
CA PHE A 373 4.53 8.01 19.18
C PHE A 373 5.78 8.19 20.03
N THR A 374 6.76 8.91 19.48
CA THR A 374 8.00 9.14 20.22
C THR A 374 7.72 9.97 21.46
N GLY A 375 8.21 9.51 22.60
CA GLY A 375 8.07 10.20 23.87
C GLY A 375 6.86 9.82 24.67
N ALA A 376 6.00 8.94 24.17
CA ALA A 376 4.78 8.57 24.86
C ALA A 376 5.04 7.42 25.82
N THR A 377 4.06 7.19 26.70
CA THR A 377 4.07 6.03 27.60
C THR A 377 3.31 4.91 26.89
N HIS A 378 4.01 3.86 26.50
CA HIS A 378 3.43 2.80 25.70
C HIS A 378 3.00 1.64 26.59
N VAL A 379 1.70 1.37 26.62
CA VAL A 379 1.13 0.23 27.33
C VAL A 379 0.32 -0.55 26.30
N GLU A 380 0.97 -1.49 25.61
CA GLU A 380 0.35 -2.17 24.46
C GLU A 380 -0.80 -3.05 24.93
N VAL A 381 -1.94 -2.91 24.25
CA VAL A 381 -3.18 -3.59 24.63
C VAL A 381 -3.54 -4.60 23.54
N HIS A 382 -3.72 -5.84 23.94
CA HIS A 382 -4.21 -6.93 23.09
C HIS A 382 -5.32 -7.64 23.84
N PRO A 383 -6.21 -8.33 23.14
CA PRO A 383 -7.36 -8.94 23.83
C PRO A 383 -6.99 -9.85 24.99
N HIS A 384 -5.81 -10.49 24.96
CA HIS A 384 -5.44 -11.42 26.04
C HIS A 384 -5.04 -10.68 27.32
N ASN A 385 -4.55 -9.44 27.20
CA ASN A 385 -4.12 -8.66 28.37
C ASN A 385 -4.87 -7.35 28.55
N ALA A 386 -5.97 -7.14 27.82
CA ALA A 386 -6.67 -5.85 27.88
C ALA A 386 -7.15 -5.55 29.29
N GLN A 387 -7.71 -6.54 29.99
CA GLN A 387 -8.30 -6.29 31.30
C GLN A 387 -7.25 -5.80 32.29
N GLU A 388 -6.08 -6.45 32.32
CA GLU A 388 -5.02 -6.03 33.23
C GLU A 388 -4.34 -4.74 32.78
N ARG A 389 -4.13 -4.58 31.48
CA ARG A 389 -3.44 -3.40 30.97
C ARG A 389 -4.29 -2.14 31.11
N CYS A 390 -5.57 -2.21 30.74
CA CYS A 390 -6.46 -1.06 30.87
C CYS A 390 -6.64 -0.66 32.33
N ARG A 391 -6.68 -1.66 33.22
CA ARG A 391 -6.70 -1.39 34.66
C ARG A 391 -5.41 -0.68 35.08
N GLU A 392 -4.27 -1.09 34.52
CA GLU A 392 -3.00 -0.40 34.80
C GLU A 392 -3.01 1.02 34.26
N ILE A 393 -3.65 1.24 33.11
CA ILE A 393 -3.69 2.55 32.49
C ILE A 393 -4.50 3.53 33.35
N VAL A 394 -5.67 3.10 33.83
CA VAL A 394 -6.50 3.97 34.66
C VAL A 394 -5.79 4.33 35.97
N MET A 395 -4.90 3.46 36.45
CA MET A 395 -4.10 3.79 37.62
C MET A 395 -3.02 4.83 37.29
N LEU A 396 -2.46 4.77 36.08
CA LEU A 396 -1.56 5.84 35.64
C LEU A 396 -2.28 7.18 35.62
N ALA A 397 -3.57 7.18 35.27
CA ALA A 397 -4.33 8.43 35.19
C ALA A 397 -4.67 8.96 36.58
N ILE A 398 -5.11 8.07 37.49
CA ILE A 398 -5.38 8.49 38.87
C ILE A 398 -4.12 9.02 39.52
N ASP A 399 -2.97 8.46 39.17
CA ASP A 399 -1.71 9.01 39.65
C ASP A 399 -1.46 10.40 39.07
N ALA A 400 -1.73 10.59 37.78
CA ALA A 400 -1.48 11.88 37.15
C ALA A 400 -2.45 12.95 37.64
N TYR A 401 -3.64 12.54 38.11
CA TYR A 401 -4.60 13.50 38.63
C TYR A 401 -4.11 14.19 39.91
N THR A 402 -3.17 13.58 40.64
CA THR A 402 -2.63 14.21 41.83
C THR A 402 -1.62 15.31 41.48
N ARG A 403 -0.95 15.19 40.34
CA ARG A 403 0.07 16.13 39.91
C ARG A 403 -0.47 17.26 39.03
N ARG A 404 -1.80 17.43 39.00
CA ARG A 404 -2.43 18.45 38.17
C ARG A 404 -2.35 19.81 38.87
N ASP A 405 -1.83 20.81 38.15
CA ASP A 405 -1.69 22.15 38.70
C ASP A 405 -3.07 22.81 38.78
N PRO A 406 -3.53 23.20 39.98
CA PRO A 406 -4.85 23.86 40.06
C PRO A 406 -4.88 25.23 39.42
N ALA A 407 -3.74 25.91 39.28
CA ALA A 407 -3.74 27.27 38.76
C ALA A 407 -4.03 27.33 37.26
N ARG A 408 -3.61 26.31 36.51
CA ARG A 408 -3.68 26.32 35.05
C ARG A 408 -4.89 25.56 34.50
N VAL A 409 -5.93 25.37 35.31
CA VAL A 409 -7.15 24.70 34.87
C VAL A 409 -8.20 25.74 34.49
N ASP A 410 -8.79 25.59 33.30
CA ASP A 410 -9.88 26.45 32.86
C ASP A 410 -10.74 25.65 31.89
N ILE A 411 -11.79 25.03 32.42
CA ILE A 411 -12.77 24.33 31.60
C ILE A 411 -13.75 25.36 31.06
N PRO A 412 -13.84 25.51 29.73
CA PRO A 412 -14.51 26.69 29.17
C PRO A 412 -16.03 26.69 29.28
N SER A 413 -16.69 25.77 28.58
CA SER A 413 -18.12 25.86 28.35
C SER A 413 -18.89 24.91 29.26
N GLN A 414 -20.22 24.92 29.09
CA GLN A 414 -21.19 24.02 29.70
C GLN A 414 -21.64 23.02 28.65
N PRO A 415 -21.71 21.73 28.99
CA PRO A 415 -22.01 20.71 27.96
C PRO A 415 -23.39 20.88 27.35
N VAL A 416 -23.55 20.30 26.15
CA VAL A 416 -24.75 20.39 25.34
C VAL A 416 -25.35 18.99 25.19
N SER A 417 -26.66 18.89 25.32
CA SER A 417 -27.33 17.60 25.18
C SER A 417 -27.41 17.17 23.72
N ILE A 418 -27.16 15.88 23.48
CA ILE A 418 -27.25 15.26 22.17
C ILE A 418 -27.95 13.92 22.33
N MET A 419 -28.52 13.43 21.24
CA MET A 419 -29.03 12.08 21.16
C MET A 419 -28.21 11.34 20.11
N SER A 420 -27.82 10.10 20.43
CA SER A 420 -26.97 9.31 19.56
C SER A 420 -27.41 7.85 19.61
N GLY A 421 -26.72 7.02 18.84
CA GLY A 421 -26.99 5.60 18.80
C GLY A 421 -27.88 5.14 17.67
N PHE A 422 -27.90 5.84 16.54
CA PHE A 422 -28.80 5.53 15.44
C PHE A 422 -28.10 4.61 14.45
N SER A 423 -28.03 3.33 14.79
CA SER A 423 -27.66 2.32 13.81
C SER A 423 -28.82 2.07 12.86
N ASN A 424 -28.56 1.29 11.82
CA ASN A 424 -29.63 0.85 10.94
C ASN A 424 -30.62 -0.02 11.71
N GLU A 425 -30.12 -0.85 12.64
CA GLU A 425 -31.00 -1.60 13.52
C GLU A 425 -31.91 -0.66 14.30
N ALA A 426 -31.35 0.43 14.84
CA ALA A 426 -32.15 1.37 15.62
C ALA A 426 -33.16 2.10 14.74
N ILE A 427 -32.72 2.55 13.56
CA ILE A 427 -33.62 3.26 12.66
C ILE A 427 -34.82 2.39 12.33
N LEU A 428 -34.58 1.16 11.89
CA LEU A 428 -35.67 0.26 11.55
C LEU A 428 -36.58 0.00 12.75
N GLU A 429 -36.00 -0.11 13.94
CA GLU A 429 -36.81 -0.31 15.13
C GLU A 429 -37.76 0.87 15.34
N ALA A 430 -37.24 2.09 15.19
CA ALA A 430 -38.09 3.27 15.33
C ALA A 430 -39.18 3.31 14.26
N LEU A 431 -38.93 2.73 13.08
CA LEU A 431 -39.90 2.68 12.01
C LEU A 431 -40.82 1.46 12.10
N GLY A 432 -40.77 0.70 13.18
CA GLY A 432 -41.65 -0.42 13.35
C GLY A 432 -41.21 -1.73 12.72
N GLY A 433 -40.00 -1.80 12.14
CA GLY A 433 -39.42 -3.05 11.67
C GLY A 433 -39.08 -3.05 10.19
N THR A 434 -39.80 -2.28 9.38
CA THR A 434 -39.60 -2.24 7.95
C THR A 434 -39.22 -0.83 7.52
N PRO A 435 -38.52 -0.69 6.39
CA PRO A 435 -38.23 0.65 5.86
C PRO A 435 -39.40 1.31 5.14
N LYS A 436 -40.55 0.65 5.07
CA LYS A 436 -41.68 1.22 4.33
C LYS A 436 -42.15 2.58 4.84
N PRO A 437 -42.29 2.84 6.15
CA PRO A 437 -42.64 4.21 6.58
C PRO A 437 -41.64 5.25 6.14
N LEU A 438 -40.34 4.95 6.25
CA LEU A 438 -39.35 5.87 5.71
C LEU A 438 -39.53 6.02 4.20
N ILE A 439 -39.77 4.91 3.52
CA ILE A 439 -39.99 4.95 2.08
C ILE A 439 -41.21 5.80 1.75
N ASP A 440 -42.31 5.58 2.47
CA ASP A 440 -43.54 6.33 2.20
C ASP A 440 -43.32 7.83 2.41
N ALA A 441 -42.57 8.20 3.44
CA ALA A 441 -42.29 9.62 3.67
C ALA A 441 -41.50 10.21 2.50
N VAL A 442 -40.62 9.42 1.90
CA VAL A 442 -39.84 9.90 0.76
C VAL A 442 -40.72 10.05 -0.47
N VAL A 443 -41.63 9.10 -0.68
CA VAL A 443 -42.52 9.20 -1.83
C VAL A 443 -43.47 10.37 -1.68
N ALA A 444 -43.96 10.62 -0.46
CA ALA A 444 -44.83 11.77 -0.24
C ALA A 444 -44.08 13.08 -0.48
N GLY A 445 -42.81 13.13 -0.10
CA GLY A 445 -42.06 14.37 -0.11
C GLY A 445 -41.86 14.99 1.23
N GLN A 446 -42.27 14.32 2.31
CA GLN A 446 -41.97 14.80 3.66
C GLN A 446 -40.47 14.81 3.91
N ILE A 447 -39.80 13.75 3.50
CA ILE A 447 -38.34 13.68 3.45
C ILE A 447 -37.96 13.65 1.97
N ARG A 448 -37.39 14.74 1.48
CA ARG A 448 -37.04 14.82 0.07
C ARG A 448 -35.81 13.99 -0.26
N GLY A 449 -34.92 13.78 0.71
CA GLY A 449 -33.75 12.96 0.47
C GLY A 449 -32.92 12.86 1.73
N PHE A 450 -31.83 12.11 1.62
CA PHE A 450 -30.88 11.88 2.70
C PHE A 450 -29.49 12.27 2.25
N VAL A 451 -28.73 12.93 3.13
CA VAL A 451 -27.33 13.25 2.85
C VAL A 451 -26.49 12.84 4.05
N GLY A 452 -25.56 11.92 3.82
CA GLY A 452 -24.61 11.55 4.85
C GLY A 452 -23.42 12.50 4.88
N ILE A 453 -23.26 13.25 5.96
CA ILE A 453 -22.16 14.20 6.09
C ILE A 453 -21.04 13.53 6.87
N VAL A 454 -19.88 13.41 6.23
CA VAL A 454 -18.76 12.60 6.73
C VAL A 454 -17.59 13.46 7.18
N GLY A 455 -17.76 14.78 7.21
CA GLY A 455 -16.62 15.69 7.25
C GLY A 455 -15.73 15.50 8.48
N CYS A 456 -14.52 16.03 8.34
CA CYS A 456 -13.58 16.17 9.44
C CYS A 456 -13.53 17.62 9.87
N ASN A 457 -12.34 18.07 10.26
CA ASN A 457 -12.02 19.48 10.39
C ASN A 457 -10.73 19.72 9.62
N ASN A 458 -10.56 20.96 9.15
CA ASN A 458 -9.37 21.30 8.40
C ASN A 458 -9.04 22.75 8.74
N PRO A 459 -7.82 23.03 9.22
CA PRO A 459 -7.48 24.43 9.56
C PRO A 459 -7.60 25.40 8.39
N LYS A 460 -7.80 24.91 7.17
CA LYS A 460 -8.06 25.76 6.02
C LYS A 460 -9.48 26.31 6.00
N ILE A 461 -10.35 25.82 6.88
CA ILE A 461 -11.72 26.28 6.99
C ILE A 461 -11.97 26.60 8.46
N ARG A 462 -12.68 27.70 8.71
CA ARG A 462 -13.14 27.99 10.06
C ARG A 462 -13.90 26.79 10.61
N GLN A 463 -13.48 26.34 11.80
CA GLN A 463 -13.89 25.03 12.30
C GLN A 463 -15.41 24.92 12.44
N ASP A 464 -15.98 23.91 11.79
CA ASP A 464 -17.38 23.52 11.84
C ASP A 464 -18.33 24.53 11.20
N SER A 465 -17.83 25.63 10.66
CA SER A 465 -18.69 26.56 9.94
C SER A 465 -19.36 25.86 8.77
N ALA A 466 -18.56 25.27 7.88
CA ALA A 466 -19.13 24.61 6.71
C ALA A 466 -20.01 23.42 7.13
N ASN A 467 -19.57 22.65 8.13
CA ASN A 467 -20.34 21.49 8.55
C ASN A 467 -21.71 21.88 9.06
N VAL A 468 -21.75 22.82 10.01
CA VAL A 468 -23.01 23.20 10.62
C VAL A 468 -23.87 23.96 9.62
N THR A 469 -23.27 24.85 8.82
CA THR A 469 -24.05 25.59 7.83
C THR A 469 -24.71 24.66 6.84
N LEU A 470 -23.95 23.72 6.28
CA LEU A 470 -24.54 22.77 5.35
C LEU A 470 -25.64 21.95 6.01
N THR A 471 -25.40 21.50 7.24
CA THR A 471 -26.40 20.70 7.94
C THR A 471 -27.68 21.50 8.16
N ARG A 472 -27.55 22.75 8.60
CA ARG A 472 -28.73 23.59 8.79
C ARG A 472 -29.51 23.76 7.50
N GLU A 473 -28.80 23.95 6.38
CA GLU A 473 -29.46 24.14 5.09
C GLU A 473 -30.24 22.89 4.69
N LEU A 474 -29.63 21.72 4.82
CA LEU A 474 -30.25 20.50 4.31
C LEU A 474 -31.55 20.18 5.05
N ILE A 475 -31.53 20.25 6.38
CA ILE A 475 -32.75 19.97 7.13
C ILE A 475 -33.81 21.04 6.87
N ARG A 476 -33.39 22.27 6.57
CA ARG A 476 -34.34 23.30 6.17
C ARG A 476 -35.05 22.93 4.89
N ARG A 477 -34.39 22.19 4.01
CA ARG A 477 -34.98 21.77 2.74
C ARG A 477 -35.60 20.37 2.82
N ASP A 478 -35.97 19.92 4.02
CA ASP A 478 -36.59 18.61 4.21
C ASP A 478 -35.67 17.47 3.80
N ILE A 479 -34.38 17.64 3.97
CA ILE A 479 -33.38 16.63 3.64
C ILE A 479 -32.76 16.16 4.94
N MET A 480 -32.98 14.90 5.28
CA MET A 480 -32.48 14.34 6.53
C MET A 480 -30.98 14.12 6.45
N VAL A 481 -30.27 14.50 7.51
CA VAL A 481 -28.82 14.41 7.56
C VAL A 481 -28.44 13.22 8.42
N LEU A 482 -27.55 12.37 7.90
CA LEU A 482 -26.95 11.28 8.64
C LEU A 482 -25.50 11.65 8.90
N ALA A 483 -25.14 11.77 10.17
CA ALA A 483 -23.84 12.32 10.56
C ALA A 483 -22.94 11.23 11.13
N THR A 484 -21.66 11.29 10.77
CA THR A 484 -20.63 10.44 11.34
C THR A 484 -19.39 11.28 11.59
N GLY A 485 -18.44 10.72 12.33
CA GLY A 485 -17.13 11.35 12.44
C GLY A 485 -17.17 12.66 13.20
N CYS A 486 -16.53 13.69 12.62
CA CYS A 486 -16.38 14.97 13.31
C CYS A 486 -17.68 15.76 13.34
N VAL A 487 -18.48 15.67 12.26
CA VAL A 487 -19.73 16.41 12.19
C VAL A 487 -20.64 16.09 13.36
N THR A 488 -20.40 14.97 14.04
CA THR A 488 -21.15 14.65 15.24
C THR A 488 -20.98 15.73 16.31
N THR A 489 -19.73 16.05 16.65
CA THR A 489 -19.49 17.11 17.61
C THR A 489 -19.96 18.46 17.10
N ALA A 490 -19.91 18.68 15.77
CA ALA A 490 -20.33 19.94 15.19
C ALA A 490 -21.84 20.16 15.37
N ALA A 491 -22.64 19.28 14.76
CA ALA A 491 -24.10 19.38 14.87
C ALA A 491 -24.55 19.33 16.33
N GLY A 492 -23.89 18.51 17.14
CA GLY A 492 -24.27 18.40 18.54
C GLY A 492 -24.11 19.72 19.28
N LYS A 493 -22.96 20.39 19.09
CA LYS A 493 -22.75 21.69 19.70
C LYS A 493 -23.80 22.70 19.24
N ALA A 494 -24.36 22.48 18.04
CA ALA A 494 -25.36 23.37 17.45
C ALA A 494 -26.79 23.04 17.89
N GLY A 495 -26.98 22.05 18.75
CA GLY A 495 -28.32 21.68 19.17
C GLY A 495 -29.12 20.95 18.12
N LEU A 496 -28.46 20.33 17.14
CA LEU A 496 -29.15 19.66 16.05
C LEU A 496 -29.31 18.15 16.27
N LEU A 497 -28.79 17.61 17.38
CA LEU A 497 -28.85 16.18 17.61
C LEU A 497 -29.93 15.79 18.61
N VAL A 498 -30.90 16.66 18.85
CA VAL A 498 -32.00 16.37 19.78
C VAL A 498 -33.29 16.36 19.00
N PRO A 499 -34.32 15.66 19.49
CA PRO A 499 -35.64 15.72 18.84
C PRO A 499 -36.17 17.12 18.70
N GLU A 500 -35.87 18.00 19.65
CA GLU A 500 -36.35 19.38 19.61
C GLU A 500 -35.78 20.15 18.43
N ALA A 501 -34.71 19.65 17.81
CA ALA A 501 -34.15 20.32 16.64
C ALA A 501 -35.07 20.22 15.42
N ALA A 502 -36.19 19.50 15.53
CA ALA A 502 -37.17 19.46 14.45
C ALA A 502 -37.67 20.86 14.09
N SER A 503 -37.70 21.78 15.05
CA SER A 503 -38.14 23.14 14.76
C SER A 503 -37.20 23.86 13.80
N LYS A 504 -36.00 23.33 13.57
CA LYS A 504 -35.05 23.90 12.63
C LYS A 504 -35.10 23.23 11.25
N ALA A 505 -35.98 22.26 11.07
CA ALA A 505 -36.15 21.56 9.80
C ALA A 505 -37.38 22.06 9.07
N GLY A 506 -37.49 21.69 7.80
CA GLY A 506 -38.69 22.00 7.03
C GLY A 506 -39.91 21.33 7.64
N GLU A 507 -41.08 21.75 7.13
CA GLU A 507 -42.34 21.25 7.69
C GLU A 507 -42.47 19.74 7.51
N GLY A 508 -42.07 19.23 6.34
CA GLY A 508 -42.21 17.81 6.08
C GLY A 508 -41.29 16.97 6.96
N LEU A 509 -40.02 17.36 7.03
CA LEU A 509 -39.06 16.61 7.84
C LEU A 509 -39.37 16.70 9.31
N ALA A 510 -39.70 17.91 9.80
CA ALA A 510 -40.10 18.07 11.18
C ALA A 510 -41.29 17.19 11.52
N ALA A 511 -42.22 17.05 10.57
CA ALA A 511 -43.38 16.19 10.79
C ALA A 511 -42.96 14.75 11.03
N VAL A 512 -42.03 14.26 10.21
CA VAL A 512 -41.54 12.89 10.36
C VAL A 512 -40.82 12.74 11.69
N CYS A 513 -39.95 13.69 12.02
CA CYS A 513 -39.13 13.57 13.22
C CYS A 513 -39.98 13.55 14.48
N ARG A 514 -40.99 14.42 14.57
CA ARG A 514 -41.87 14.41 15.73
C ARG A 514 -42.68 13.11 15.79
N SER A 515 -43.06 12.59 14.63
CA SER A 515 -43.74 11.29 14.59
C SER A 515 -42.85 10.19 15.13
N LEU A 516 -41.57 10.21 14.77
CA LEU A 516 -40.62 9.18 15.20
C LEU A 516 -39.95 9.50 16.53
N GLY A 517 -40.05 10.73 17.00
CA GLY A 517 -39.33 11.13 18.21
C GLY A 517 -37.83 11.18 18.04
N VAL A 518 -37.35 11.46 16.84
CA VAL A 518 -35.91 11.42 16.55
C VAL A 518 -35.50 12.81 16.08
N PRO A 519 -34.20 13.12 16.14
CA PRO A 519 -33.73 14.43 15.66
C PRO A 519 -33.71 14.47 14.14
N PRO A 520 -33.65 15.66 13.54
CA PRO A 520 -33.51 15.75 12.08
C PRO A 520 -32.13 15.36 11.59
N VAL A 521 -31.16 15.20 12.49
CA VAL A 521 -29.83 14.71 12.17
C VAL A 521 -29.61 13.44 12.97
N LEU A 522 -29.36 12.33 12.28
CA LEU A 522 -29.17 11.03 12.92
C LEU A 522 -27.69 10.72 13.02
N HIS A 523 -27.19 10.54 14.24
CA HIS A 523 -25.80 10.18 14.43
C HIS A 523 -25.62 8.69 14.27
N MET A 524 -24.86 8.28 13.26
CA MET A 524 -24.68 6.88 12.95
C MET A 524 -23.29 6.35 13.30
N GLY A 525 -22.41 7.18 13.84
CA GLY A 525 -21.18 6.68 14.42
C GLY A 525 -19.91 7.36 13.95
N SER A 526 -18.87 6.56 13.77
CA SER A 526 -17.53 7.04 13.46
C SER A 526 -17.29 6.97 11.95
N CYS A 527 -16.05 7.20 11.53
N CYS A 527 -16.03 7.19 11.55
CA CYS A 527 -15.73 7.11 10.11
CA CYS A 527 -15.66 7.12 10.14
C CYS A 527 -15.91 5.70 9.60
C CYS A 527 -15.85 5.71 9.59
N VAL A 528 -15.58 4.70 10.41
CA VAL A 528 -15.80 3.32 9.99
C VAL A 528 -17.27 3.07 9.75
N ASP A 529 -18.11 3.64 10.61
CA ASP A 529 -19.56 3.45 10.58
C ASP A 529 -20.23 4.02 9.35
N ASN A 530 -19.49 4.75 8.50
CA ASN A 530 -20.05 5.13 7.21
C ASN A 530 -20.49 3.91 6.40
N SER A 531 -19.97 2.73 6.71
CA SER A 531 -20.50 1.52 6.08
C SER A 531 -21.99 1.31 6.40
N ARG A 532 -22.46 1.83 7.55
CA ARG A 532 -23.89 1.79 7.83
C ARG A 532 -24.71 2.52 6.77
N ILE A 533 -24.18 3.64 6.27
CA ILE A 533 -24.89 4.39 5.23
C ILE A 533 -24.98 3.58 3.95
N LEU A 534 -23.88 2.93 3.56
CA LEU A 534 -23.93 1.99 2.43
C LEU A 534 -24.99 0.92 2.65
N GLN A 535 -24.96 0.29 3.83
CA GLN A 535 -25.93 -0.76 4.11
C GLN A 535 -27.36 -0.24 3.99
N LEU A 536 -27.60 1.00 4.43
CA LEU A 536 -28.94 1.58 4.36
C LEU A 536 -29.33 1.89 2.93
N CYS A 537 -28.41 2.51 2.17
CA CYS A 537 -28.68 2.77 0.77
C CYS A 537 -28.92 1.48 0.01
N ALA A 538 -28.06 0.49 0.21
CA ALA A 538 -28.25 -0.81 -0.44
C ALA A 538 -29.60 -1.41 -0.09
N LEU A 539 -30.05 -1.25 1.16
CA LEU A 539 -31.34 -1.81 1.56
C LEU A 539 -32.50 -1.09 0.87
N LEU A 540 -32.45 0.24 0.82
CA LEU A 540 -33.52 0.97 0.15
C LEU A 540 -33.53 0.69 -1.34
N ALA A 541 -32.36 0.59 -1.96
CA ALA A 541 -32.31 0.28 -3.38
C ALA A 541 -32.87 -1.11 -3.64
N THR A 542 -32.45 -2.09 -2.84
CA THR A 542 -32.96 -3.45 -3.03
C THR A 542 -34.46 -3.51 -2.78
N THR A 543 -34.94 -2.82 -1.74
CA THR A 543 -36.36 -2.83 -1.42
C THR A 543 -37.18 -2.28 -2.59
N LEU A 544 -36.68 -1.23 -3.24
CA LEU A 544 -37.38 -0.59 -4.34
C LEU A 544 -37.07 -1.22 -5.70
N GLY A 545 -36.08 -2.11 -5.77
CA GLY A 545 -35.73 -2.67 -7.05
C GLY A 545 -34.97 -1.75 -7.98
N VAL A 546 -34.30 -0.73 -7.45
CA VAL A 546 -33.49 0.14 -8.29
C VAL A 546 -32.02 0.12 -7.88
N ASP A 547 -31.18 0.83 -8.62
CA ASP A 547 -29.78 0.95 -8.26
C ASP A 547 -29.64 2.01 -7.18
N ILE A 548 -28.53 1.94 -6.44
CA ILE A 548 -28.24 3.01 -5.48
C ILE A 548 -28.15 4.35 -6.18
N SER A 549 -27.70 4.35 -7.44
CA SER A 549 -27.61 5.57 -8.23
C SER A 549 -28.99 6.16 -8.54
N ASP A 550 -30.06 5.46 -8.19
CA ASP A 550 -31.43 5.94 -8.35
C ASP A 550 -32.01 6.51 -7.07
N LEU A 551 -31.29 6.44 -5.96
CA LEU A 551 -31.89 6.91 -4.73
C LEU A 551 -31.60 8.40 -4.53
N PRO A 552 -32.55 9.13 -3.97
CA PRO A 552 -32.29 10.54 -3.63
C PRO A 552 -31.40 10.63 -2.41
N VAL A 553 -30.11 10.35 -2.60
CA VAL A 553 -29.14 10.34 -1.53
C VAL A 553 -27.95 11.21 -1.94
N GLY A 554 -27.18 11.61 -0.93
CA GLY A 554 -25.95 12.35 -1.16
C GLY A 554 -24.99 12.13 -0.02
N ALA A 555 -23.75 12.56 -0.25
CA ALA A 555 -22.71 12.51 0.77
C ALA A 555 -21.90 13.79 0.69
N SER A 556 -21.45 14.26 1.85
CA SER A 556 -20.66 15.47 1.89
C SER A 556 -19.55 15.34 2.92
N SER A 557 -18.38 15.89 2.58
CA SER A 557 -17.27 16.04 3.51
C SER A 557 -16.84 17.50 3.43
N PRO A 558 -17.61 18.41 4.04
CA PRO A 558 -17.30 19.84 3.85
C PRO A 558 -15.95 20.28 4.38
N GLU A 559 -15.40 19.58 5.37
CA GLU A 559 -14.14 20.01 5.98
C GLU A 559 -13.16 18.85 6.10
N TRP A 560 -13.11 17.99 5.09
CA TRP A 560 -12.29 16.79 5.15
C TRP A 560 -10.80 17.14 5.04
N TYR A 561 -9.96 16.20 5.53
CA TYR A 561 -8.52 16.36 5.44
C TYR A 561 -7.76 15.06 5.17
N SER A 562 -8.28 13.90 5.57
CA SER A 562 -7.49 12.69 5.70
C SER A 562 -7.67 11.74 4.52
N GLU A 563 -6.72 10.81 4.38
CA GLU A 563 -6.83 9.76 3.37
C GLU A 563 -8.10 8.93 3.59
N LYS A 564 -8.46 8.70 4.85
CA LYS A 564 -9.67 7.93 5.13
C LYS A 564 -10.93 8.64 4.64
N ALA A 565 -10.94 9.97 4.68
CA ALA A 565 -12.08 10.71 4.17
C ALA A 565 -12.18 10.57 2.64
N ALA A 566 -11.04 10.64 1.95
CA ALA A 566 -11.06 10.45 0.49
C ALA A 566 -11.44 9.03 0.12
N ALA A 567 -10.97 8.03 0.88
CA ALA A 567 -11.40 6.66 0.63
C ALA A 567 -12.90 6.52 0.81
N ILE A 568 -13.45 7.17 1.83
CA ILE A 568 -14.90 7.15 2.05
C ILE A 568 -15.60 7.85 0.90
N ALA A 569 -15.12 9.04 0.52
CA ALA A 569 -15.74 9.77 -0.58
C ALA A 569 -15.69 8.97 -1.87
N MET A 570 -14.56 8.27 -2.11
CA MET A 570 -14.40 7.51 -3.34
C MET A 570 -15.35 6.31 -3.39
N TYR A 571 -15.52 5.60 -2.26
CA TYR A 571 -16.42 4.45 -2.28
C TYR A 571 -17.89 4.86 -2.30
N ALA A 572 -18.22 6.05 -1.78
CA ALA A 572 -19.58 6.57 -1.93
C ALA A 572 -19.89 6.84 -3.39
N VAL A 573 -19.03 7.61 -4.07
CA VAL A 573 -19.23 7.87 -5.49
C VAL A 573 -19.34 6.57 -6.27
N ALA A 574 -18.43 5.63 -6.01
CA ALA A 574 -18.41 4.38 -6.77
C ALA A 574 -19.60 3.48 -6.46
N SER A 575 -20.32 3.73 -5.37
CA SER A 575 -21.51 2.94 -5.05
C SER A 575 -22.79 3.60 -5.51
N GLY A 576 -22.72 4.76 -6.16
CA GLY A 576 -23.87 5.43 -6.72
C GLY A 576 -24.28 6.70 -6.01
N ILE A 577 -23.57 7.09 -4.96
CA ILE A 577 -23.96 8.20 -4.09
C ILE A 577 -23.22 9.44 -4.55
N PRO A 578 -23.91 10.51 -4.95
CA PRO A 578 -23.22 11.77 -5.25
C PRO A 578 -22.56 12.32 -3.99
N THR A 579 -21.30 12.72 -4.14
CA THR A 579 -20.47 13.08 -3.00
C THR A 579 -19.87 14.46 -3.22
N HIS A 580 -20.08 15.35 -2.25
CA HIS A 580 -19.53 16.69 -2.28
C HIS A 580 -18.30 16.78 -1.37
N LEU A 581 -17.29 17.51 -1.84
CA LEU A 581 -16.08 17.78 -1.07
C LEU A 581 -15.91 19.28 -0.92
N GLY A 582 -15.63 19.73 0.29
CA GLY A 582 -15.43 21.16 0.52
C GLY A 582 -14.11 21.66 -0.04
N LEU A 583 -13.06 20.87 0.09
CA LEU A 583 -11.77 21.26 -0.45
C LEU A 583 -11.30 20.27 -1.52
N PRO A 584 -10.63 20.74 -2.56
CA PRO A 584 -10.25 19.85 -3.65
C PRO A 584 -9.11 18.94 -3.25
N PRO A 585 -9.05 17.72 -3.80
CA PRO A 585 -7.85 16.90 -3.65
C PRO A 585 -6.70 17.44 -4.49
N ASN A 586 -5.51 16.87 -4.28
CA ASN A 586 -4.32 17.28 -5.01
C ASN A 586 -4.27 16.65 -6.41
N ILE A 587 -5.29 17.00 -7.22
CA ILE A 587 -5.42 16.46 -8.56
C ILE A 587 -5.65 17.52 -9.62
N LEU A 588 -5.70 18.80 -9.25
CA LEU A 588 -5.99 19.84 -10.23
C LEU A 588 -4.89 19.99 -11.28
N GLY A 589 -3.71 19.41 -11.04
CA GLY A 589 -2.63 19.50 -12.01
C GLY A 589 -2.90 18.72 -13.29
N SER A 590 -3.87 17.82 -13.26
CA SER A 590 -4.32 17.11 -14.45
C SER A 590 -5.81 17.40 -14.62
N GLU A 591 -6.14 18.14 -15.68
CA GLU A 591 -7.55 18.44 -15.95
C GLU A 591 -8.31 17.19 -16.35
N ASN A 592 -7.63 16.22 -16.96
CA ASN A 592 -8.30 14.97 -17.35
C ASN A 592 -8.74 14.18 -16.12
N VAL A 593 -7.85 14.05 -15.13
CA VAL A 593 -8.22 13.37 -13.90
C VAL A 593 -9.32 14.12 -13.17
N THR A 594 -9.22 15.46 -13.15
CA THR A 594 -10.25 16.27 -12.50
C THR A 594 -11.60 16.07 -13.15
N ALA A 595 -11.65 16.14 -14.49
CA ALA A 595 -12.91 15.99 -15.22
C ALA A 595 -13.51 14.61 -15.05
N MET A 596 -12.66 13.58 -14.92
CA MET A 596 -13.17 12.24 -14.65
C MET A 596 -13.84 12.17 -13.30
N ALA A 597 -13.21 12.76 -12.28
CA ALA A 597 -13.79 12.73 -10.94
C ALA A 597 -15.07 13.55 -10.87
N LEU A 598 -15.11 14.69 -11.55
CA LEU A 598 -16.21 15.63 -11.41
C LEU A 598 -17.36 15.37 -12.39
N HIS A 599 -17.07 14.75 -13.55
CA HIS A 599 -18.11 14.56 -14.56
C HIS A 599 -18.04 13.17 -15.17
N GLY A 600 -16.83 12.72 -15.52
CA GLY A 600 -16.69 11.45 -16.21
C GLY A 600 -17.24 10.28 -15.42
N LEU A 601 -17.05 10.31 -14.10
CA LEU A 601 -17.52 9.20 -13.27
C LEU A 601 -19.04 9.06 -13.31
N GLN A 602 -19.76 10.15 -13.59
CA GLN A 602 -21.21 10.09 -13.67
C GLN A 602 -21.67 9.10 -14.74
N ASP A 603 -20.98 9.06 -15.87
CA ASP A 603 -21.35 8.14 -16.94
C ASP A 603 -20.99 6.70 -16.60
N VAL A 604 -20.00 6.51 -15.73
CA VAL A 604 -19.50 5.17 -15.45
C VAL A 604 -20.19 4.54 -14.26
N VAL A 605 -20.29 5.25 -13.13
CA VAL A 605 -20.80 4.68 -11.90
C VAL A 605 -22.11 5.29 -11.44
N GLY A 606 -22.66 6.26 -12.16
CA GLY A 606 -23.93 6.87 -11.82
C GLY A 606 -23.86 7.97 -10.77
N ALA A 607 -22.66 8.37 -10.35
CA ALA A 607 -22.47 9.44 -9.37
C ALA A 607 -21.12 10.10 -9.66
N ALA A 608 -20.86 11.21 -8.97
CA ALA A 608 -19.63 11.96 -9.24
C ALA A 608 -19.25 12.79 -8.02
N PHE A 609 -18.07 13.38 -8.09
CA PHE A 609 -17.57 14.29 -7.07
C PHE A 609 -18.03 15.73 -7.37
N MET A 610 -18.31 16.46 -6.30
CA MET A 610 -18.64 17.88 -6.38
C MET A 610 -17.71 18.62 -5.42
N VAL A 611 -16.99 19.60 -5.92
CA VAL A 611 -16.05 20.39 -5.11
C VAL A 611 -16.64 21.79 -4.99
N GLU A 612 -16.88 22.22 -3.76
CA GLU A 612 -17.50 23.51 -3.51
C GLU A 612 -17.21 23.96 -2.09
N PRO A 613 -16.41 25.02 -1.91
CA PRO A 613 -16.14 25.52 -0.56
C PRO A 613 -17.29 26.30 0.05
N ASP A 614 -18.25 26.78 -0.75
CA ASP A 614 -19.42 27.49 -0.23
C ASP A 614 -20.47 26.48 0.22
N PRO A 615 -20.74 26.39 1.53
CA PRO A 615 -21.70 25.38 1.99
C PRO A 615 -23.10 25.58 1.46
N VAL A 616 -23.52 26.82 1.22
CA VAL A 616 -24.87 27.05 0.68
C VAL A 616 -24.97 26.53 -0.75
N LYS A 617 -23.99 26.89 -1.59
CA LYS A 617 -23.96 26.35 -2.95
C LYS A 617 -23.85 24.83 -2.93
N ALA A 618 -23.13 24.27 -1.96
CA ALA A 618 -23.08 22.82 -1.82
C ALA A 618 -24.46 22.23 -1.54
N ALA A 619 -25.24 22.90 -0.70
CA ALA A 619 -26.60 22.45 -0.44
C ALA A 619 -27.44 22.49 -1.72
N ASP A 620 -27.27 23.53 -2.53
CA ASP A 620 -27.96 23.60 -3.81
C ASP A 620 -27.55 22.43 -4.70
N MET A 621 -26.25 22.11 -4.74
CA MET A 621 -25.78 21.03 -5.60
C MET A 621 -26.31 19.68 -5.13
N LEU A 622 -26.19 19.42 -3.83
CA LEU A 622 -26.71 18.17 -3.27
C LEU A 622 -28.21 18.04 -3.52
N GLU A 623 -28.96 19.10 -3.25
CA GLU A 623 -30.41 19.05 -3.45
C GLU A 623 -30.76 18.85 -4.92
N ALA A 624 -30.01 19.48 -5.82
CA ALA A 624 -30.29 19.35 -7.25
C ALA A 624 -30.19 17.89 -7.71
N HIS A 625 -29.12 17.20 -7.31
CA HIS A 625 -29.00 15.78 -7.64
C HIS A 625 -30.14 14.99 -7.02
N ILE A 626 -30.44 15.25 -5.74
CA ILE A 626 -31.54 14.58 -5.06
C ILE A 626 -32.83 14.78 -5.83
N VAL A 627 -33.11 16.02 -6.23
CA VAL A 627 -34.29 16.33 -7.03
C VAL A 627 -34.29 15.53 -8.33
N ALA A 628 -33.13 15.42 -8.97
CA ALA A 628 -33.06 14.71 -10.25
C ALA A 628 -33.39 13.24 -10.09
N ARG A 629 -32.88 12.62 -9.03
CA ARG A 629 -33.20 11.21 -8.79
C ARG A 629 -34.65 11.01 -8.36
N ARG A 630 -35.26 12.02 -7.76
CA ARG A 630 -36.70 11.95 -7.47
C ARG A 630 -37.51 11.90 -8.75
N ALA A 631 -37.11 12.69 -9.75
CA ALA A 631 -37.81 12.68 -11.03
C ALA A 631 -37.62 11.35 -11.74
N ARG A 632 -36.40 10.78 -11.66
CA ARG A 632 -36.17 9.47 -12.28
C ARG A 632 -37.00 8.37 -11.63
N LEU A 633 -37.45 8.57 -10.40
CA LEU A 633 -38.37 7.63 -9.77
C LEU A 633 -39.83 8.00 -9.97
N GLY A 634 -40.11 9.07 -10.73
CA GLY A 634 -41.48 9.50 -10.93
C GLY A 634 -42.10 10.09 -9.69
N LEU A 635 -41.37 10.93 -8.96
CA LEU A 635 -41.85 11.53 -7.74
C LEU A 635 -41.71 13.04 -7.83
N THR A 636 -42.51 13.73 -7.03
CA THR A 636 -42.42 15.18 -6.96
C THR A 636 -41.29 15.56 -6.01
N SER A 637 -40.61 16.66 -6.31
CA SER A 637 -39.49 17.12 -5.51
C SER A 637 -39.91 18.14 -4.47
N THR B 14 29.03 14.16 -25.58
CA THR B 14 28.18 14.33 -24.41
C THR B 14 27.36 13.08 -24.14
N ILE B 15 27.06 12.32 -25.19
CA ILE B 15 26.37 11.04 -25.03
C ILE B 15 27.32 9.91 -24.68
N ARG B 16 28.63 10.11 -24.85
CA ARG B 16 29.60 9.15 -24.34
C ARG B 16 29.54 9.07 -22.82
N SER B 17 29.13 10.16 -22.16
CA SER B 17 28.93 10.18 -20.73
C SER B 17 27.63 9.51 -20.30
N ARG B 18 26.73 9.22 -21.25
CA ARG B 18 25.46 8.60 -20.89
C ARG B 18 25.62 7.10 -20.69
N SER B 19 26.46 6.47 -21.51
CA SER B 19 26.63 5.03 -21.46
C SER B 19 28.09 4.69 -21.76
N ILE B 20 28.49 3.49 -21.36
CA ILE B 20 29.83 3.00 -21.67
C ILE B 20 29.84 2.09 -22.91
N TRP B 21 28.67 1.85 -23.52
CA TRP B 21 28.52 0.85 -24.57
C TRP B 21 28.43 1.51 -25.93
N ASP B 22 29.03 0.86 -26.94
CA ASP B 22 29.01 1.40 -28.30
C ASP B 22 27.64 1.25 -28.96
N ASP B 23 26.90 0.18 -28.64
CA ASP B 23 25.54 0.05 -29.18
C ASP B 23 24.62 1.15 -28.67
N ALA B 24 24.78 1.55 -27.41
CA ALA B 24 24.02 2.67 -26.87
C ALA B 24 24.44 3.99 -27.52
N HIS B 25 25.75 4.19 -27.68
CA HIS B 25 26.24 5.40 -28.34
C HIS B 25 25.65 5.57 -29.73
N ALA B 26 25.73 4.50 -30.54
CA ALA B 26 25.22 4.59 -31.91
C ALA B 26 23.73 4.90 -31.92
N MET B 27 22.96 4.32 -31.00
CA MET B 27 21.53 4.55 -30.99
C MET B 27 21.16 5.91 -30.41
N LEU B 28 21.92 6.40 -29.42
CA LEU B 28 21.70 7.75 -28.92
C LEU B 28 21.99 8.79 -30.00
N GLU B 29 23.10 8.62 -30.71
CA GLU B 29 23.40 9.51 -31.83
C GLU B 29 22.38 9.36 -32.94
N LYS B 30 21.89 8.14 -33.17
CA LYS B 30 20.80 7.94 -34.12
C LYS B 30 19.53 8.64 -33.65
N ALA B 31 19.28 8.59 -32.33
CA ALA B 31 18.10 9.26 -31.77
C ALA B 31 18.20 10.78 -31.95
N LYS B 32 19.39 11.34 -31.73
CA LYS B 32 19.58 12.78 -31.89
C LYS B 32 19.28 13.23 -33.31
N ALA B 33 19.77 12.48 -34.30
CA ALA B 33 19.52 12.83 -35.69
C ALA B 33 18.04 12.74 -36.03
N GLU B 34 17.35 11.72 -35.51
CA GLU B 34 15.93 11.53 -35.78
C GLU B 34 15.03 12.36 -34.86
N GLY B 35 15.59 13.21 -34.02
CA GLY B 35 14.78 14.05 -33.14
C GLY B 35 13.90 13.29 -32.17
N ILE B 36 14.43 12.20 -31.61
CA ILE B 36 13.69 11.38 -30.66
C ILE B 36 14.27 11.65 -29.27
N SER B 37 13.39 11.99 -28.33
CA SER B 37 13.82 12.32 -26.97
C SER B 37 13.95 11.04 -26.15
N THR B 38 15.11 10.88 -25.53
CA THR B 38 15.41 9.69 -24.74
C THR B 38 15.22 10.00 -23.25
N VAL B 39 15.33 8.94 -22.44
CA VAL B 39 15.24 9.08 -21.00
C VAL B 39 16.35 9.97 -20.47
N TRP B 40 17.52 9.98 -21.13
CA TRP B 40 18.60 10.88 -20.73
C TRP B 40 18.24 12.34 -21.00
N ASP B 41 17.50 12.60 -22.07
CA ASP B 41 17.10 13.97 -22.36
C ASP B 41 16.13 14.48 -21.31
N ARG B 42 15.24 13.61 -20.82
CA ARG B 42 14.28 14.00 -19.80
C ARG B 42 14.89 14.06 -18.40
N ALA B 43 15.99 13.35 -18.17
CA ALA B 43 16.69 13.44 -16.89
C ALA B 43 17.29 14.82 -16.69
N ALA B 44 17.85 15.41 -17.75
CA ALA B 44 18.41 16.76 -17.65
C ALA B 44 17.33 17.81 -17.42
N GLU B 45 16.12 17.59 -17.95
CA GLU B 45 15.04 18.54 -17.73
C GLU B 45 14.63 18.58 -16.27
N GLN B 46 14.70 17.45 -15.56
CA GLN B 46 14.33 17.37 -14.16
C GLN B 46 15.50 17.57 -13.21
N THR B 47 16.64 18.06 -13.70
CA THR B 47 17.81 18.33 -12.87
C THR B 47 18.17 19.79 -13.06
N PRO B 48 18.23 20.61 -11.98
CA PRO B 48 18.08 20.20 -10.58
C PRO B 48 16.64 19.88 -10.18
N ALA B 49 16.47 18.82 -9.40
CA ALA B 49 15.16 18.39 -8.94
C ALA B 49 14.77 19.17 -7.68
N CYS B 50 13.57 18.88 -7.17
CA CYS B 50 13.10 19.52 -5.95
C CYS B 50 13.95 19.08 -4.76
N LYS B 51 14.44 20.05 -4.00
CA LYS B 51 15.34 19.75 -2.89
C LYS B 51 14.59 19.04 -1.75
N PHE B 52 13.36 19.46 -1.46
CA PHE B 52 12.57 18.81 -0.41
C PHE B 52 12.26 17.37 -0.78
N CYS B 53 11.92 17.12 -2.05
CA CYS B 53 11.68 15.75 -2.51
C CYS B 53 12.96 14.92 -2.44
N GLU B 54 14.11 15.50 -2.79
CA GLU B 54 15.37 14.77 -2.73
C GLU B 54 15.76 14.45 -1.29
N LEU B 55 15.47 15.36 -0.36
CA LEU B 55 15.77 15.13 1.04
C LEU B 55 14.74 14.23 1.73
N GLY B 56 13.55 14.08 1.15
CA GLY B 56 12.48 13.35 1.79
C GLY B 56 11.66 14.14 2.79
N THR B 57 11.93 15.44 2.93
CA THR B 57 11.28 16.33 3.90
C THR B 57 10.02 16.99 3.37
N THR B 58 9.26 16.28 2.55
CA THR B 58 7.98 16.74 2.04
C THR B 58 6.94 15.66 2.29
N CYS B 59 5.71 16.09 2.56
CA CYS B 59 4.65 15.15 2.92
C CYS B 59 3.36 15.59 2.26
N ARG B 60 2.70 14.64 1.59
CA ARG B 60 1.43 14.86 0.90
C ARG B 60 0.37 13.88 1.40
N ASN B 61 0.52 13.39 2.62
CA ASN B 61 -0.34 12.34 3.17
C ASN B 61 -1.71 12.82 3.60
N CYS B 62 -1.96 14.13 3.58
CA CYS B 62 -3.29 14.66 3.89
C CYS B 62 -3.37 16.09 3.34
N ILE B 63 -4.58 16.63 3.30
CA ILE B 63 -4.79 17.96 2.76
C ILE B 63 -4.79 19.05 3.84
N MET B 64 -4.49 18.69 5.09
CA MET B 64 -4.01 19.71 6.02
C MET B 64 -2.70 20.29 5.48
N GLY B 65 -1.87 19.45 4.88
CA GLY B 65 -0.68 19.89 4.20
C GLY B 65 -0.98 20.31 2.77
N PRO B 66 -0.01 20.13 1.85
CA PRO B 66 1.29 19.47 2.04
C PRO B 66 2.27 20.28 2.89
N CYS B 67 3.23 19.59 3.50
CA CYS B 67 4.17 20.20 4.43
C CYS B 67 5.59 19.93 3.97
N ARG B 68 6.45 20.94 4.13
CA ARG B 68 7.88 20.81 3.91
C ARG B 68 8.59 21.19 5.20
N ILE B 69 9.60 20.43 5.56
CA ILE B 69 10.38 20.70 6.76
C ILE B 69 11.57 21.55 6.40
N ALA B 70 11.83 22.58 7.20
CA ALA B 70 12.93 23.50 6.99
C ALA B 70 13.94 23.38 8.13
N ASN B 71 15.11 23.98 7.92
CA ASN B 71 16.17 23.97 8.94
C ASN B 71 16.81 25.35 9.08
N GLY B 75 12.21 30.03 13.03
CA GLY B 75 12.15 28.61 13.31
C GLY B 75 10.93 27.91 12.74
N LYS B 76 10.28 28.57 11.78
CA LYS B 76 9.06 28.03 11.19
C LYS B 76 9.37 26.82 10.31
N MET B 77 8.33 26.05 10.00
CA MET B 77 8.40 24.88 9.13
C MET B 77 9.27 23.75 9.69
N ARG B 78 9.54 23.76 11.00
CA ARG B 78 10.26 22.63 11.60
C ARG B 78 9.39 21.37 11.63
N LEU B 79 8.08 21.53 11.79
CA LEU B 79 7.15 20.42 11.94
C LEU B 79 6.05 20.52 10.89
N GLY B 80 5.36 19.38 10.68
CA GLY B 80 4.17 19.39 9.87
C GLY B 80 3.00 20.02 10.61
N VAL B 81 1.89 20.21 9.87
CA VAL B 81 0.71 20.80 10.49
C VAL B 81 0.18 19.90 11.60
N CYS B 82 0.30 18.58 11.43
CA CYS B 82 -0.09 17.64 12.46
C CYS B 82 0.93 17.55 13.60
N GLY B 83 2.07 18.21 13.46
CA GLY B 83 3.12 18.15 14.47
C GLY B 83 4.27 17.20 14.14
N ALA B 84 4.23 16.53 12.99
CA ALA B 84 5.24 15.56 12.64
C ALA B 84 6.57 16.23 12.30
N ASP B 85 7.66 15.67 12.81
CA ASP B 85 9.01 16.17 12.58
C ASP B 85 9.62 15.52 11.33
N ALA B 86 10.84 15.96 10.97
CA ALA B 86 11.51 15.40 9.80
C ALA B 86 11.75 13.91 9.92
N ASP B 87 11.97 13.41 11.14
CA ASP B 87 12.22 11.99 11.33
C ASP B 87 11.02 11.16 10.89
N VAL B 88 9.84 11.48 11.42
CA VAL B 88 8.63 10.73 11.08
C VAL B 88 8.30 10.89 9.60
N ILE B 89 8.40 12.11 9.07
CA ILE B 89 8.03 12.37 7.68
C ILE B 89 8.93 11.60 6.72
N VAL B 90 10.25 11.67 6.96
CA VAL B 90 11.18 10.98 6.07
C VAL B 90 11.00 9.47 6.16
N ALA B 91 10.82 8.95 7.38
CA ALA B 91 10.62 7.52 7.56
C ALA B 91 9.32 7.06 6.92
N ARG B 92 8.26 7.87 7.01
CA ARG B 92 6.99 7.49 6.38
C ARG B 92 7.15 7.38 4.88
N ASN B 93 7.75 8.39 4.25
CA ASN B 93 7.96 8.36 2.80
C ASN B 93 8.78 7.14 2.40
N PHE B 94 9.77 6.79 3.22
CA PHE B 94 10.64 5.66 2.88
C PHE B 94 9.93 4.33 3.08
N GLY B 95 9.07 4.24 4.08
CA GLY B 95 8.28 3.02 4.23
C GLY B 95 7.33 2.81 3.06
N ARG B 96 6.71 3.89 2.58
CA ARG B 96 5.83 3.78 1.43
C ARG B 96 6.63 3.49 0.15
N PHE B 97 7.85 4.01 0.07
CA PHE B 97 8.72 3.65 -1.04
C PHE B 97 8.97 2.14 -1.03
N ILE B 98 9.31 1.59 0.15
CA ILE B 98 9.54 0.15 0.25
C ILE B 98 8.27 -0.62 -0.08
N ALA B 99 7.12 -0.13 0.39
CA ALA B 99 5.86 -0.82 0.14
C ALA B 99 5.53 -0.89 -1.35
N GLY B 100 5.84 0.18 -2.09
CA GLY B 100 5.61 0.14 -3.52
C GLY B 100 6.41 -0.96 -4.20
N GLY B 101 7.66 -1.12 -3.79
CA GLY B 101 8.49 -2.15 -4.40
C GLY B 101 8.08 -3.55 -4.01
N ALA B 102 7.76 -3.75 -2.73
CA ALA B 102 7.24 -5.04 -2.30
C ALA B 102 5.94 -5.36 -3.01
N ALA B 103 5.10 -4.35 -3.24
CA ALA B 103 3.84 -4.56 -3.95
C ALA B 103 4.09 -5.05 -5.37
N GLY B 104 5.09 -4.50 -6.05
CA GLY B 104 5.41 -4.97 -7.39
C GLY B 104 5.75 -6.44 -7.43
N HIS B 105 6.58 -6.90 -6.48
CA HIS B 105 6.91 -8.32 -6.42
C HIS B 105 5.73 -9.14 -5.93
N SER B 106 5.01 -8.64 -4.93
CA SER B 106 3.85 -9.35 -4.38
C SER B 106 2.90 -9.81 -5.48
N ASP B 107 2.49 -8.88 -6.35
CA ASP B 107 1.50 -9.21 -7.38
C ASP B 107 2.04 -10.19 -8.41
N HIS B 108 3.32 -10.07 -8.77
CA HIS B 108 3.93 -11.04 -9.68
C HIS B 108 3.84 -12.45 -9.10
N GLY B 109 4.13 -12.60 -7.80
CA GLY B 109 4.00 -13.89 -7.15
C GLY B 109 2.56 -14.37 -7.09
N ARG B 110 1.63 -13.46 -6.84
CA ARG B 110 0.21 -13.82 -6.88
C ARG B 110 -0.19 -14.34 -8.26
N ASP B 111 0.32 -13.72 -9.32
CA ASP B 111 0.01 -14.16 -10.67
C ASP B 111 0.46 -15.61 -10.89
N LEU B 112 1.61 -15.99 -10.32
CA LEU B 112 2.11 -17.33 -10.55
C LEU B 112 1.31 -18.37 -9.77
N ILE B 113 0.86 -18.02 -8.56
CA ILE B 113 -0.06 -18.91 -7.84
C ILE B 113 -1.29 -19.18 -8.70
N GLU B 114 -1.85 -18.12 -9.28
CA GLU B 114 -3.02 -18.26 -10.12
C GLU B 114 -2.74 -19.16 -11.32
N THR B 115 -1.54 -19.07 -11.87
CA THR B 115 -1.19 -19.89 -13.03
C THR B 115 -1.09 -21.36 -12.67
N LEU B 116 -0.36 -21.68 -11.59
CA LEU B 116 -0.22 -23.06 -11.17
C LEU B 116 -1.57 -23.66 -10.79
N GLU B 117 -2.44 -22.88 -10.17
CA GLU B 117 -3.79 -23.37 -9.86
C GLU B 117 -4.56 -23.68 -11.13
N ALA B 118 -4.37 -22.88 -12.17
CA ALA B 118 -5.01 -23.17 -13.45
C ALA B 118 -4.46 -24.46 -14.06
N VAL B 119 -3.13 -24.65 -13.99
CA VAL B 119 -2.56 -25.93 -14.38
C VAL B 119 -3.14 -27.05 -13.52
N ALA B 120 -3.19 -26.83 -12.21
CA ALA B 120 -3.67 -27.86 -11.29
C ALA B 120 -5.12 -28.23 -11.55
N GLU B 121 -5.94 -27.27 -11.99
CA GLU B 121 -7.34 -27.53 -12.30
C GLU B 121 -7.55 -27.96 -13.75
N GLY B 122 -6.49 -28.05 -14.54
CA GLY B 122 -6.65 -28.39 -15.95
C GLY B 122 -7.36 -27.32 -16.74
N LYS B 123 -7.10 -26.04 -16.44
CA LYS B 123 -7.75 -24.91 -17.08
C LYS B 123 -6.73 -23.94 -17.64
N ALA B 124 -5.63 -24.46 -18.17
CA ALA B 124 -4.52 -23.65 -18.67
C ALA B 124 -3.90 -24.32 -19.88
N PRO B 125 -4.52 -24.17 -21.05
CA PRO B 125 -4.02 -24.85 -22.26
C PRO B 125 -2.60 -24.38 -22.63
N GLY B 126 -1.75 -25.34 -22.93
CA GLY B 126 -0.36 -25.05 -23.23
C GLY B 126 0.55 -24.94 -22.03
N TYR B 127 -0.01 -24.85 -20.83
CA TYR B 127 0.77 -24.81 -19.60
C TYR B 127 0.79 -26.19 -18.96
N THR B 128 1.97 -26.61 -18.52
CA THR B 128 2.12 -27.83 -17.74
C THR B 128 3.07 -27.50 -16.61
N ILE B 129 3.39 -28.53 -15.83
CA ILE B 129 4.42 -28.44 -14.79
C ILE B 129 5.69 -28.98 -15.41
N ARG B 130 6.62 -28.09 -15.74
CA ARG B 130 7.86 -28.52 -16.37
C ARG B 130 8.74 -29.30 -15.40
N ASP B 131 8.83 -28.83 -14.15
CA ASP B 131 9.67 -29.45 -13.13
C ASP B 131 8.79 -30.05 -12.05
N VAL B 132 8.34 -31.28 -12.28
CA VAL B 132 7.58 -32.02 -11.27
C VAL B 132 8.46 -32.31 -10.06
N ALA B 133 9.74 -32.61 -10.29
CA ALA B 133 10.62 -32.92 -9.17
C ALA B 133 10.71 -31.74 -8.22
N LYS B 134 10.87 -30.53 -8.75
CA LYS B 134 10.91 -29.35 -7.88
C LYS B 134 9.56 -29.11 -7.22
N LEU B 135 8.45 -29.36 -7.94
CA LEU B 135 7.14 -29.22 -7.32
C LEU B 135 7.03 -30.11 -6.09
N ARG B 136 7.34 -31.39 -6.23
CA ARG B 136 7.26 -32.32 -5.12
C ARG B 136 8.20 -31.90 -3.99
N ARG B 137 9.40 -31.44 -4.32
CA ARG B 137 10.35 -31.01 -3.30
C ARG B 137 9.85 -29.78 -2.54
N ILE B 138 9.33 -28.79 -3.28
CA ILE B 138 8.84 -27.57 -2.64
C ILE B 138 7.61 -27.87 -1.79
N ALA B 139 6.67 -28.64 -2.33
CA ALA B 139 5.48 -29.02 -1.58
C ALA B 139 5.86 -29.72 -0.28
N ALA B 140 6.76 -30.70 -0.37
CA ALA B 140 7.25 -31.39 0.82
C ALA B 140 7.89 -30.41 1.81
N GLU B 141 8.68 -29.46 1.29
CA GLU B 141 9.34 -28.50 2.17
C GLU B 141 8.35 -27.65 2.95
N LEU B 142 7.24 -27.25 2.31
CA LEU B 142 6.23 -26.42 2.95
C LEU B 142 5.13 -27.21 3.66
N GLY B 143 5.27 -28.53 3.72
CA GLY B 143 4.41 -29.33 4.57
C GLY B 143 3.32 -30.13 3.89
N VAL B 144 3.27 -30.14 2.55
CA VAL B 144 2.27 -30.94 1.86
C VAL B 144 2.50 -32.42 2.15
N ALA B 145 1.45 -33.09 2.61
CA ALA B 145 1.56 -34.50 2.98
C ALA B 145 1.68 -35.38 1.74
N ASP B 146 2.60 -36.35 1.80
CA ASP B 146 2.81 -37.32 0.72
C ASP B 146 3.06 -36.65 -0.62
N ALA B 147 3.72 -35.48 -0.61
CA ALA B 147 4.02 -34.76 -1.85
C ALA B 147 4.88 -35.58 -2.80
N ALA B 148 5.62 -36.57 -2.29
CA ALA B 148 6.55 -37.31 -3.13
C ALA B 148 5.84 -38.26 -4.09
N THR B 149 4.69 -38.83 -3.67
CA THR B 149 4.10 -39.94 -4.40
C THR B 149 2.66 -39.72 -4.83
N ARG B 150 2.06 -38.57 -4.51
CA ARG B 150 0.67 -38.32 -4.89
C ARG B 150 0.62 -37.72 -6.29
N PRO B 151 -0.55 -37.72 -6.93
CA PRO B 151 -0.66 -37.12 -8.27
C PRO B 151 -0.18 -35.67 -8.29
N ALA B 152 0.51 -35.31 -9.37
CA ALA B 152 1.16 -34.01 -9.43
C ALA B 152 0.16 -32.86 -9.31
N HIS B 153 -1.02 -33.00 -9.95
CA HIS B 153 -1.99 -31.91 -9.91
C HIS B 153 -2.56 -31.72 -8.51
N ASP B 154 -2.70 -32.80 -7.74
CA ASP B 154 -3.10 -32.64 -6.34
C ASP B 154 -1.99 -32.02 -5.52
N VAL B 155 -0.75 -32.49 -5.70
CA VAL B 155 0.38 -31.87 -5.01
C VAL B 155 0.45 -30.38 -5.34
N ALA B 156 0.24 -30.02 -6.60
CA ALA B 156 0.24 -28.62 -7.00
C ALA B 156 -0.87 -27.86 -6.30
N ALA B 157 -2.07 -28.44 -6.24
CA ALA B 157 -3.21 -27.77 -5.62
C ALA B 157 -2.98 -27.52 -4.15
N ASP B 158 -2.39 -28.48 -3.45
CA ASP B 158 -2.09 -28.28 -2.02
C ASP B 158 -1.04 -27.19 -1.83
N LEU B 159 -0.02 -27.15 -2.70
CA LEU B 159 0.97 -26.08 -2.61
C LEU B 159 0.34 -24.73 -2.93
N VAL B 160 -0.57 -24.68 -3.90
CA VAL B 160 -1.29 -23.45 -4.19
C VAL B 160 -1.97 -22.91 -2.95
N THR B 161 -2.54 -23.80 -2.13
CA THR B 161 -3.20 -23.37 -0.90
C THR B 161 -2.21 -22.77 0.09
N ILE B 162 -1.04 -23.41 0.27
CA ILE B 162 -0.05 -22.87 1.20
C ILE B 162 0.38 -21.47 0.78
N CYS B 163 0.63 -21.29 -0.52
CA CYS B 163 1.06 -19.98 -1.01
C CYS B 163 -0.03 -18.94 -0.81
N TYR B 164 -1.28 -19.28 -1.16
CA TYR B 164 -2.38 -18.36 -0.98
C TYR B 164 -2.54 -17.98 0.49
N ASN B 165 -2.25 -18.91 1.40
CA ASN B 165 -2.35 -18.57 2.81
C ASN B 165 -1.30 -17.52 3.20
N ASP B 166 -0.14 -17.54 2.56
CA ASP B 166 0.85 -16.48 2.79
C ASP B 166 0.39 -15.15 2.20
N PHE B 167 -0.58 -15.18 1.29
CA PHE B 167 -1.28 -13.99 0.87
C PHE B 167 -2.55 -13.76 1.67
N GLY B 168 -2.71 -14.47 2.79
CA GLY B 168 -3.80 -14.25 3.71
C GLY B 168 -3.33 -13.56 4.97
N SER B 169 -4.20 -13.60 5.98
CA SER B 169 -3.98 -12.83 7.20
C SER B 169 -4.07 -13.67 8.47
N ARG B 170 -3.82 -14.98 8.37
CA ARG B 170 -3.91 -15.86 9.54
C ARG B 170 -2.60 -16.56 9.87
N ARG B 171 -1.50 -16.26 9.19
CA ARG B 171 -0.24 -16.91 9.53
C ARG B 171 0.55 -16.06 10.52
N ASN B 172 1.36 -16.73 11.34
CA ASN B 172 2.28 -16.01 12.20
C ASN B 172 3.63 -15.77 11.55
N ALA B 173 3.94 -16.49 10.46
CA ALA B 173 5.18 -16.31 9.73
C ALA B 173 5.00 -16.95 8.36
N LEU B 174 5.58 -16.33 7.34
CA LEU B 174 5.47 -16.87 5.99
C LEU B 174 6.13 -18.25 5.89
N ALA B 175 5.64 -19.04 4.94
CA ALA B 175 6.05 -20.44 4.83
C ALA B 175 7.54 -20.59 4.54
N PHE B 176 8.05 -19.85 3.56
CA PHE B 176 9.45 -19.99 3.16
C PHE B 176 10.43 -19.48 4.22
N LEU B 177 9.94 -18.82 5.27
CA LEU B 177 10.82 -18.25 6.27
C LEU B 177 11.60 -19.32 7.04
N ALA B 178 11.13 -20.57 7.01
CA ALA B 178 11.81 -21.63 7.73
C ALA B 178 13.16 -21.95 7.13
N ARG B 179 13.42 -21.53 5.89
CA ARG B 179 14.74 -21.68 5.30
C ARG B 179 15.80 -20.92 6.08
N ALA B 180 15.41 -19.83 6.74
CA ALA B 180 16.39 -19.03 7.46
C ALA B 180 16.88 -19.78 8.69
N PRO B 181 18.15 -19.59 9.07
CA PRO B 181 18.64 -20.16 10.32
C PRO B 181 17.82 -19.71 11.51
N GLN B 182 17.71 -20.60 12.50
CA GLN B 182 16.90 -20.33 13.68
C GLN B 182 17.33 -19.05 14.38
N VAL B 183 18.63 -18.82 14.52
CA VAL B 183 19.13 -17.60 15.16
C VAL B 183 18.56 -16.37 14.46
N ARG B 184 18.47 -16.41 13.13
CA ARG B 184 17.91 -15.27 12.39
C ARG B 184 16.41 -15.16 12.64
N ARG B 185 15.70 -16.28 12.67
CA ARG B 185 14.27 -16.24 12.97
C ARG B 185 14.01 -15.73 14.38
N ASP B 186 14.85 -16.12 15.35
CA ASP B 186 14.66 -15.62 16.71
C ASP B 186 14.86 -14.12 16.77
N LEU B 187 15.82 -13.60 15.99
CA LEU B 187 16.09 -12.16 16.02
C LEU B 187 14.90 -11.38 15.45
N TRP B 188 14.41 -11.79 14.28
CA TRP B 188 13.24 -11.14 13.68
C TRP B 188 12.06 -11.12 14.66
N GLN B 189 11.76 -12.25 15.28
CA GLN B 189 10.63 -12.33 16.21
C GLN B 189 10.83 -11.38 17.38
N ARG B 190 12.02 -11.38 17.98
CA ARG B 190 12.30 -10.45 19.07
C ARG B 190 12.10 -9.00 18.63
N LEU B 191 12.51 -8.66 17.41
CA LEU B 191 12.49 -7.28 16.94
C LEU B 191 11.11 -6.85 16.47
N GLY B 192 10.20 -7.78 16.23
CA GLY B 192 8.93 -7.46 15.62
C GLY B 192 8.94 -7.44 14.11
N MET B 193 9.84 -8.18 13.48
CA MET B 193 10.04 -8.12 12.04
C MET B 193 9.52 -9.33 11.27
N THR B 194 9.03 -10.35 11.96
CA THR B 194 8.63 -11.57 11.27
C THR B 194 7.54 -11.27 10.26
N PRO B 195 7.76 -11.52 8.96
CA PRO B 195 6.70 -11.27 7.97
C PRO B 195 5.59 -12.30 8.15
N ARG B 196 4.38 -11.80 8.35
CA ARG B 196 3.24 -12.67 8.61
C ARG B 196 2.42 -12.93 7.36
N GLY B 197 2.27 -11.94 6.50
CA GLY B 197 1.56 -12.12 5.25
C GLY B 197 2.06 -11.13 4.22
N VAL B 198 2.09 -11.57 2.96
CA VAL B 198 2.62 -10.73 1.90
C VAL B 198 1.82 -9.45 1.76
N ASP B 199 0.53 -9.57 1.43
CA ASP B 199 -0.30 -8.38 1.32
C ASP B 199 -0.49 -7.69 2.65
N ARG B 200 -0.52 -8.47 3.74
CA ARG B 200 -0.77 -7.88 5.06
C ARG B 200 0.27 -6.82 5.41
N GLU B 201 1.56 -7.12 5.18
CA GLU B 201 2.58 -6.15 5.57
C GLU B 201 2.54 -4.91 4.70
N ILE B 202 2.16 -5.06 3.44
CA ILE B 202 2.01 -3.89 2.57
C ILE B 202 0.91 -2.98 3.10
N ALA B 203 -0.25 -3.56 3.41
CA ALA B 203 -1.36 -2.76 3.93
C ALA B 203 -1.01 -2.14 5.28
N GLU B 204 -0.37 -2.92 6.16
CA GLU B 204 0.01 -2.38 7.47
C GLU B 204 0.97 -1.21 7.32
N MET B 205 1.87 -1.28 6.33
CA MET B 205 2.75 -0.14 6.10
C MET B 205 1.96 1.08 5.69
N MET B 206 1.02 0.91 4.76
CA MET B 206 0.19 2.03 4.33
C MET B 206 -0.63 2.58 5.48
N HIS B 207 -1.11 1.69 6.35
CA HIS B 207 -1.83 2.12 7.54
C HIS B 207 -0.94 2.95 8.45
N ARG B 208 0.26 2.44 8.75
CA ARG B 208 1.17 3.14 9.64
C ARG B 208 1.54 4.53 9.14
N THR B 209 1.62 4.71 7.82
CA THR B 209 2.02 6.00 7.24
C THR B 209 0.85 6.97 7.08
N HIS B 210 -0.36 6.59 7.44
CA HIS B 210 -1.47 7.54 7.50
C HIS B 210 -1.24 8.50 8.66
N MET B 211 -1.78 9.71 8.51
CA MET B 211 -1.66 10.74 9.55
C MET B 211 -2.09 10.18 10.89
N GLY B 212 -1.30 10.50 11.92
CA GLY B 212 -1.69 10.19 13.29
C GLY B 212 -1.68 8.73 13.66
N CYS B 213 -0.85 7.92 13.00
CA CYS B 213 -0.73 6.51 13.34
C CYS B 213 0.65 6.28 13.92
N ASP B 214 1.59 5.70 13.16
CA ASP B 214 2.94 5.45 13.65
C ASP B 214 3.76 6.73 13.47
N ASN B 215 4.09 7.39 14.57
CA ASN B 215 4.91 8.59 14.57
C ASN B 215 6.20 8.37 15.33
N ASP B 216 6.78 7.17 15.15
CA ASP B 216 8.05 6.82 15.74
C ASP B 216 8.93 6.29 14.61
N HIS B 217 10.02 6.99 14.31
CA HIS B 217 10.83 6.63 13.14
C HIS B 217 11.45 5.24 13.26
N THR B 218 11.78 4.81 14.48
CA THR B 218 12.33 3.47 14.67
C THR B 218 11.29 2.41 14.32
N SER B 219 10.09 2.55 14.87
CA SER B 219 9.02 1.61 14.57
C SER B 219 8.74 1.56 13.07
N LEU B 220 8.78 2.73 12.40
CA LEU B 220 8.53 2.76 10.96
C LEU B 220 9.59 2.00 10.20
N LEU B 221 10.87 2.18 10.55
CA LEU B 221 11.94 1.46 9.87
C LEU B 221 11.83 -0.05 10.12
N VAL B 222 11.45 -0.43 11.33
CA VAL B 222 11.25 -1.86 11.64
C VAL B 222 10.20 -2.45 10.71
N HIS B 223 9.05 -1.79 10.58
CA HIS B 223 8.00 -2.37 9.74
C HIS B 223 8.36 -2.32 8.26
N ALA B 224 9.09 -1.30 7.82
CA ALA B 224 9.60 -1.32 6.45
C ALA B 224 10.48 -2.55 6.24
N ALA B 225 11.33 -2.87 7.22
CA ALA B 225 12.09 -4.11 7.17
C ALA B 225 11.19 -5.32 7.15
N ARG B 226 10.14 -5.31 7.97
CA ARG B 226 9.17 -6.40 7.95
C ARG B 226 8.52 -6.52 6.58
N THR B 227 8.15 -5.39 5.97
CA THR B 227 7.50 -5.41 4.66
C THR B 227 8.44 -5.93 3.59
N ALA B 228 9.70 -5.53 3.62
CA ALA B 228 10.65 -6.01 2.61
C ALA B 228 10.92 -7.50 2.79
N LEU B 229 10.97 -7.96 4.03
CA LEU B 229 11.12 -9.39 4.27
C LEU B 229 9.92 -10.18 3.75
N ALA B 230 8.73 -9.59 3.80
CA ALA B 230 7.56 -10.24 3.21
C ALA B 230 7.70 -10.39 1.70
N ASP B 231 8.50 -9.53 1.08
CA ASP B 231 8.81 -9.66 -0.34
C ASP B 231 9.86 -10.76 -0.57
N GLY B 232 11.07 -10.58 -0.02
CA GLY B 232 12.16 -11.50 -0.33
C GLY B 232 11.89 -12.93 0.11
N TRP B 233 11.25 -13.10 1.27
CA TRP B 233 10.90 -14.41 1.79
C TRP B 233 9.48 -14.81 1.48
N GLY B 234 8.73 -13.97 0.75
CA GLY B 234 7.36 -14.24 0.43
C GLY B 234 7.05 -14.06 -1.04
N GLY B 235 6.69 -12.84 -1.44
CA GLY B 235 6.34 -12.55 -2.82
C GLY B 235 7.38 -13.00 -3.83
N SER B 236 8.62 -12.52 -3.69
CA SER B 236 9.65 -12.89 -4.64
C SER B 236 9.99 -14.37 -4.56
N MET B 237 10.01 -14.95 -3.36
CA MET B 237 10.41 -16.35 -3.26
C MET B 237 9.36 -17.27 -3.87
N ILE B 238 8.08 -17.05 -3.55
CA ILE B 238 7.01 -17.77 -4.22
C ILE B 238 7.10 -17.59 -5.73
N GLY B 239 7.39 -16.35 -6.16
CA GLY B 239 7.49 -16.10 -7.59
C GLY B 239 8.59 -16.92 -8.25
N THR B 240 9.75 -16.98 -7.62
CA THR B 240 10.86 -17.73 -8.20
C THR B 240 10.53 -19.21 -8.26
N GLU B 241 10.09 -19.78 -7.12
CA GLU B 241 9.98 -21.23 -7.05
C GLU B 241 8.84 -21.76 -7.92
N LEU B 242 7.71 -21.06 -7.95
CA LEU B 242 6.61 -21.46 -8.83
C LEU B 242 6.98 -21.28 -10.30
N SER B 243 7.75 -20.25 -10.64
CA SER B 243 8.20 -20.07 -12.01
C SER B 243 9.01 -21.26 -12.49
N ASP B 244 9.96 -21.71 -11.66
CA ASP B 244 10.74 -22.90 -12.01
C ASP B 244 9.84 -24.12 -12.15
N ILE B 245 8.85 -24.24 -11.25
CA ILE B 245 7.90 -25.34 -11.31
C ILE B 245 7.16 -25.34 -12.64
N LEU B 246 6.75 -24.17 -13.11
CA LEU B 246 5.92 -24.07 -14.29
C LEU B 246 6.73 -24.03 -15.59
N PHE B 247 7.92 -23.43 -15.59
CA PHE B 247 8.65 -23.18 -16.82
C PHE B 247 10.00 -23.88 -16.91
N GLY B 248 10.42 -24.56 -15.87
CA GLY B 248 11.68 -25.29 -15.84
C GLY B 248 12.66 -24.58 -14.94
N THR B 249 13.44 -25.37 -14.20
CA THR B 249 14.49 -24.81 -13.35
C THR B 249 15.73 -24.52 -14.17
N PRO B 250 16.29 -23.31 -14.10
CA PRO B 250 17.41 -22.95 -14.97
C PRO B 250 18.63 -23.82 -14.74
N ARG B 251 19.24 -24.27 -15.84
CA ARG B 251 20.49 -24.98 -15.97
C ARG B 251 21.48 -24.12 -16.76
N PRO B 252 22.78 -24.31 -16.56
CA PRO B 252 23.76 -23.45 -17.25
C PRO B 252 23.70 -23.65 -18.76
N ARG B 253 23.73 -22.54 -19.50
CA ARG B 253 23.69 -22.61 -20.96
C ARG B 253 24.26 -21.34 -21.57
N GLN B 254 24.56 -21.42 -22.86
CA GLN B 254 25.18 -20.33 -23.60
C GLN B 254 24.11 -19.48 -24.28
N SER B 255 24.45 -18.22 -24.54
CA SER B 255 23.55 -17.28 -25.20
C SER B 255 24.36 -16.06 -25.61
N THR B 256 23.68 -15.10 -26.23
CA THR B 256 24.28 -13.85 -26.68
C THR B 256 23.59 -12.66 -26.02
N VAL B 257 24.28 -11.52 -26.07
CA VAL B 257 23.80 -10.28 -25.44
C VAL B 257 24.03 -9.11 -26.40
N ASN B 258 23.38 -7.98 -26.06
CA ASN B 258 23.45 -6.67 -26.73
C ASN B 258 22.44 -6.49 -27.88
N LEU B 259 22.33 -5.27 -28.40
CA LEU B 259 21.35 -4.98 -29.44
C LEU B 259 21.60 -5.79 -30.71
N GLY B 260 22.82 -6.33 -30.88
CA GLY B 260 23.10 -7.17 -32.04
C GLY B 260 22.30 -8.46 -32.07
N VAL B 261 21.61 -8.81 -30.98
CA VAL B 261 20.77 -10.00 -31.01
C VAL B 261 19.63 -9.84 -32.00
N LEU B 262 19.21 -8.60 -32.25
CA LEU B 262 18.16 -8.34 -33.23
C LEU B 262 18.69 -8.61 -34.63
N ARG B 263 17.97 -9.43 -35.38
CA ARG B 263 18.37 -9.80 -36.73
C ARG B 263 17.57 -8.98 -37.74
N LYS B 264 18.27 -8.40 -38.71
CA LYS B 264 17.61 -7.62 -39.75
C LYS B 264 16.76 -8.49 -40.67
N ASP B 265 17.09 -9.77 -40.78
CA ASP B 265 16.40 -10.68 -41.69
C ASP B 265 15.24 -11.41 -41.02
N ALA B 266 14.98 -11.17 -39.75
CA ALA B 266 13.96 -11.91 -39.02
C ALA B 266 12.93 -10.96 -38.42
N VAL B 267 11.75 -11.51 -38.13
CA VAL B 267 10.74 -10.77 -37.39
C VAL B 267 11.18 -10.68 -35.94
N ASN B 268 11.33 -9.45 -35.45
CA ASN B 268 11.92 -9.19 -34.13
C ASN B 268 10.81 -8.88 -33.13
N ILE B 269 10.58 -9.81 -32.21
CA ILE B 269 9.64 -9.63 -31.11
C ILE B 269 10.45 -9.43 -29.84
N LEU B 270 10.15 -8.38 -29.09
CA LEU B 270 10.84 -8.05 -27.85
C LEU B 270 9.88 -8.18 -26.69
N VAL B 271 10.14 -9.12 -25.78
CA VAL B 271 9.38 -9.25 -24.56
C VAL B 271 10.02 -8.37 -23.49
N HIS B 272 9.20 -7.56 -22.82
CA HIS B 272 9.67 -6.56 -21.88
C HIS B 272 8.75 -6.60 -20.66
N GLY B 273 9.33 -6.44 -19.47
CA GLY B 273 8.58 -6.54 -18.23
C GLY B 273 9.05 -7.63 -17.31
N HIS B 274 8.12 -8.47 -16.82
CA HIS B 274 8.42 -9.40 -15.74
C HIS B 274 7.77 -10.78 -15.85
N ASN B 275 6.57 -10.89 -16.40
CA ASN B 275 5.77 -12.12 -16.26
C ASN B 275 6.23 -13.19 -17.26
N PRO B 276 6.75 -14.33 -16.80
CA PRO B 276 7.09 -15.41 -17.74
C PRO B 276 5.88 -16.15 -18.26
N VAL B 277 4.72 -16.02 -17.59
CA VAL B 277 3.48 -16.63 -18.05
C VAL B 277 3.18 -16.23 -19.48
N VAL B 278 3.55 -15.01 -19.87
CA VAL B 278 3.32 -14.52 -21.22
C VAL B 278 4.50 -14.83 -22.13
N SER B 279 5.72 -14.52 -21.69
CA SER B 279 6.88 -14.62 -22.57
C SER B 279 7.17 -16.07 -22.96
N GLU B 280 7.00 -17.00 -22.03
CA GLU B 280 7.18 -18.41 -22.39
C GLU B 280 6.08 -18.91 -23.33
N MET B 281 4.93 -18.25 -23.34
CA MET B 281 3.88 -18.56 -24.31
C MET B 281 4.07 -17.81 -25.62
N ILE B 282 4.73 -16.65 -25.59
CA ILE B 282 5.12 -15.97 -26.82
C ILE B 282 6.16 -16.79 -27.56
N LEU B 283 7.10 -17.40 -26.83
CA LEU B 283 8.14 -18.22 -27.44
C LEU B 283 7.55 -19.47 -28.09
N ALA B 284 6.61 -20.13 -27.41
CA ALA B 284 6.01 -21.35 -27.94
C ALA B 284 5.18 -21.07 -29.19
N ALA B 285 4.52 -19.92 -29.25
CA ALA B 285 3.73 -19.56 -30.43
C ALA B 285 4.62 -19.31 -31.64
N THR B 286 5.82 -18.76 -31.43
CA THR B 286 6.74 -18.54 -32.54
C THR B 286 7.28 -19.86 -33.08
N ARG B 287 7.35 -20.90 -32.25
CA ARG B 287 7.78 -22.21 -32.70
C ARG B 287 6.67 -23.01 -33.35
N GLU B 288 5.47 -22.46 -33.47
CA GLU B 288 4.39 -23.17 -34.15
C GLU B 288 4.67 -23.21 -35.64
N PRO B 289 4.33 -24.30 -36.32
CA PRO B 289 4.62 -24.38 -37.77
C PRO B 289 3.87 -23.36 -38.60
N ALA B 290 2.60 -23.11 -38.28
CA ALA B 290 1.82 -22.15 -39.08
C ALA B 290 2.31 -20.72 -38.85
N VAL B 291 2.68 -20.39 -37.62
CA VAL B 291 3.20 -19.04 -37.32
C VAL B 291 4.56 -18.84 -37.97
N ARG B 292 5.45 -19.83 -37.82
CA ARG B 292 6.77 -19.73 -38.44
C ARG B 292 6.69 -19.76 -39.96
N GLN B 293 5.67 -20.41 -40.52
CA GLN B 293 5.47 -20.35 -41.97
C GLN B 293 4.85 -19.03 -42.41
N ALA B 294 4.03 -18.40 -41.54
CA ALA B 294 3.45 -17.12 -41.89
C ALA B 294 4.50 -16.03 -41.99
N ALA B 295 5.54 -16.09 -41.16
CA ALA B 295 6.62 -15.10 -41.19
C ALA B 295 7.39 -15.17 -42.52
N GLY B 299 7.38 -11.57 -45.68
CA GLY B 299 8.42 -12.44 -46.21
C GLY B 299 9.74 -12.34 -45.48
N ALA B 300 9.78 -12.85 -44.26
CA ALA B 300 10.95 -12.80 -43.40
C ALA B 300 11.65 -14.15 -43.36
N ALA B 301 12.88 -14.14 -42.86
CA ALA B 301 13.71 -15.35 -42.84
C ALA B 301 13.53 -16.19 -41.58
N ASP B 302 13.06 -15.59 -40.48
CA ASP B 302 12.87 -16.31 -39.24
C ASP B 302 12.02 -15.45 -38.32
N ILE B 303 11.61 -16.04 -37.21
CA ILE B 303 10.95 -15.31 -36.13
C ILE B 303 11.96 -15.21 -35.00
N ASN B 304 12.29 -13.99 -34.60
CA ASN B 304 13.37 -13.73 -33.65
C ASN B 304 12.78 -13.16 -32.37
N VAL B 305 12.99 -13.85 -31.26
CA VAL B 305 12.56 -13.41 -29.93
C VAL B 305 13.79 -13.01 -29.13
N ALA B 306 13.76 -11.81 -28.57
CA ALA B 306 14.84 -11.31 -27.73
C ALA B 306 14.27 -10.79 -26.41
N GLY B 307 15.11 -10.80 -25.38
CA GLY B 307 14.69 -10.47 -24.04
C GLY B 307 14.95 -9.03 -23.67
N LEU B 308 14.12 -8.52 -22.76
CA LEU B 308 14.31 -7.23 -22.13
C LEU B 308 13.93 -7.34 -20.67
N CYS B 309 14.60 -6.54 -19.84
CA CYS B 309 14.24 -6.36 -18.41
C CYS B 309 14.27 -7.72 -17.72
N CYS B 310 13.31 -8.02 -16.84
CA CYS B 310 13.33 -9.23 -16.03
C CYS B 310 12.71 -10.43 -16.74
N THR B 311 11.63 -10.22 -17.50
CA THR B 311 11.08 -11.32 -18.30
C THR B 311 12.10 -11.81 -19.32
N GLY B 312 12.98 -10.93 -19.80
CA GLY B 312 14.07 -11.36 -20.66
C GLY B 312 15.13 -12.14 -19.91
N ASN B 313 15.52 -11.65 -18.72
CA ASN B 313 16.39 -12.42 -17.84
C ASN B 313 15.88 -13.85 -17.68
N GLU B 314 14.58 -14.01 -17.45
CA GLU B 314 14.03 -15.32 -17.16
C GLU B 314 13.89 -16.21 -18.40
N LEU B 315 13.57 -15.62 -19.56
CA LEU B 315 13.62 -16.40 -20.80
C LEU B 315 15.04 -16.82 -21.13
N LEU B 316 16.01 -15.97 -20.78
CA LEU B 316 17.42 -16.33 -20.93
C LEU B 316 17.79 -17.48 -20.00
N MET B 317 17.38 -17.39 -18.73
CA MET B 317 17.72 -18.41 -17.75
C MET B 317 17.13 -19.77 -18.14
N ARG B 318 15.87 -19.80 -18.56
CA ARG B 318 15.17 -21.05 -18.78
C ARG B 318 15.15 -21.51 -20.24
N GLN B 319 15.42 -20.62 -21.19
CA GLN B 319 15.37 -20.97 -22.60
C GLN B 319 16.60 -20.56 -23.40
N GLY B 320 17.54 -19.84 -22.82
CA GLY B 320 18.69 -19.36 -23.56
C GLY B 320 18.40 -18.26 -24.55
N ILE B 321 17.22 -17.62 -24.44
CA ILE B 321 16.84 -16.60 -25.41
C ILE B 321 17.74 -15.39 -25.23
N PRO B 322 18.32 -14.84 -26.30
CA PRO B 322 19.23 -13.70 -26.15
C PRO B 322 18.52 -12.47 -25.61
N MET B 323 19.29 -11.62 -24.94
CA MET B 323 18.77 -10.41 -24.31
C MET B 323 19.26 -9.20 -25.09
N ALA B 324 18.32 -8.31 -25.43
CA ALA B 324 18.65 -7.15 -26.24
C ALA B 324 19.33 -6.05 -25.44
N GLY B 325 18.96 -5.90 -24.17
CA GLY B 325 19.58 -4.88 -23.35
C GLY B 325 18.85 -4.74 -22.04
N ASN B 326 19.40 -3.85 -21.21
CA ASN B 326 18.85 -3.60 -19.89
C ASN B 326 17.93 -2.39 -19.87
N HIS B 327 17.81 -1.74 -18.70
CA HIS B 327 16.81 -0.70 -18.49
C HIS B 327 16.91 0.42 -19.52
N LEU B 328 18.08 1.06 -19.60
CA LEU B 328 18.25 2.20 -20.50
C LEU B 328 18.40 1.79 -21.96
N MET B 329 18.65 0.52 -22.25
CA MET B 329 18.73 0.05 -23.63
C MET B 329 17.36 -0.17 -24.27
N THR B 330 16.28 -0.06 -23.49
CA THR B 330 14.95 -0.38 -24.01
C THR B 330 14.51 0.64 -25.06
N GLU B 331 14.67 1.93 -24.78
CA GLU B 331 14.33 2.94 -25.77
C GLU B 331 15.25 2.84 -26.98
N LEU B 332 16.54 2.57 -26.74
CA LEU B 332 17.51 2.46 -27.83
C LEU B 332 17.28 1.21 -28.67
N ALA B 333 16.60 0.20 -28.13
CA ALA B 333 16.24 -0.96 -28.93
C ALA B 333 15.25 -0.59 -30.03
N ILE B 334 14.31 0.31 -29.72
CA ILE B 334 13.31 0.70 -30.71
C ILE B 334 13.91 1.62 -31.77
N VAL B 335 14.86 2.47 -31.38
CA VAL B 335 15.48 3.43 -32.30
C VAL B 335 16.26 2.73 -33.41
N THR B 336 16.65 1.47 -33.20
CA THR B 336 17.36 0.73 -34.25
C THR B 336 16.54 0.66 -35.53
N GLY B 337 15.22 0.76 -35.43
CA GLY B 337 14.35 0.61 -36.57
C GLY B 337 14.07 -0.82 -36.96
N ALA B 338 14.39 -1.79 -36.10
CA ALA B 338 14.20 -3.20 -36.39
C ALA B 338 13.27 -3.92 -35.43
N ALA B 339 12.90 -3.30 -34.31
CA ALA B 339 11.95 -3.89 -33.38
C ALA B 339 10.58 -3.92 -34.04
N ASP B 340 10.07 -5.13 -34.34
CA ASP B 340 8.77 -5.24 -34.99
C ASP B 340 7.63 -5.20 -33.99
N ALA B 341 7.87 -5.61 -32.74
CA ALA B 341 6.81 -5.62 -31.74
C ALA B 341 7.45 -5.67 -30.35
N ILE B 342 6.76 -5.06 -29.40
CA ILE B 342 7.15 -5.10 -28.00
C ILE B 342 5.97 -5.63 -27.22
N VAL B 343 6.14 -6.78 -26.58
CA VAL B 343 5.10 -7.42 -25.80
C VAL B 343 5.41 -7.14 -24.33
N ALA B 344 4.61 -6.27 -23.72
CA ALA B 344 4.84 -5.80 -22.36
C ALA B 344 3.74 -6.28 -21.43
N ASP B 345 4.07 -6.33 -20.15
CA ASP B 345 3.08 -6.65 -19.13
C ASP B 345 3.01 -5.58 -18.04
N TYR B 346 3.91 -5.63 -17.06
CA TYR B 346 3.91 -4.67 -15.97
C TYR B 346 5.32 -4.52 -15.39
N GLN B 347 5.57 -3.36 -14.77
CA GLN B 347 6.78 -3.07 -14.00
C GLN B 347 7.99 -2.69 -14.87
N CYS B 348 8.49 -1.47 -14.67
CA CYS B 348 9.73 -0.97 -15.27
C CYS B 348 9.65 -0.79 -16.77
N ILE B 349 8.44 -0.71 -17.33
CA ILE B 349 8.24 -0.52 -18.75
C ILE B 349 7.92 0.97 -18.93
N MET B 350 8.91 1.72 -19.41
CA MET B 350 8.74 3.17 -19.48
C MET B 350 7.63 3.54 -20.46
N PRO B 351 6.66 4.37 -20.04
CA PRO B 351 5.57 4.75 -20.96
C PRO B 351 6.06 5.49 -22.19
N SER B 352 7.28 6.02 -22.17
CA SER B 352 7.81 6.67 -23.37
C SER B 352 7.99 5.68 -24.52
N LEU B 353 8.07 4.39 -24.22
CA LEU B 353 8.24 3.38 -25.26
C LEU B 353 7.11 3.44 -26.29
N VAL B 354 5.89 3.75 -25.84
CA VAL B 354 4.75 3.82 -26.75
C VAL B 354 4.93 4.97 -27.75
N GLN B 355 5.50 6.09 -27.29
CA GLN B 355 5.70 7.23 -28.18
C GLN B 355 6.88 6.98 -29.12
N ILE B 356 7.95 6.36 -28.62
CA ILE B 356 9.11 6.08 -29.46
C ILE B 356 8.76 5.04 -30.51
N ALA B 357 8.01 4.00 -30.13
CA ALA B 357 7.55 3.01 -31.09
C ALA B 357 6.65 3.63 -32.16
N ALA B 358 5.91 4.68 -31.80
CA ALA B 358 5.04 5.35 -32.78
C ALA B 358 5.85 6.01 -33.88
N CYS B 359 7.07 6.47 -33.58
CA CYS B 359 7.92 7.06 -34.59
C CYS B 359 8.32 6.08 -35.68
N TYR B 360 8.18 4.77 -35.43
CA TYR B 360 8.49 3.75 -36.41
C TYR B 360 7.28 2.92 -36.82
N HIS B 361 7.50 1.63 -37.03
CA HIS B 361 6.48 0.64 -37.38
C HIS B 361 6.11 -0.25 -36.19
N THR B 362 6.80 -0.11 -35.07
CA THR B 362 6.69 -1.04 -33.96
C THR B 362 5.27 -1.04 -33.38
N ARG B 363 4.73 -2.25 -33.17
CA ARG B 363 3.45 -2.45 -32.49
C ARG B 363 3.74 -2.66 -31.00
N PHE B 364 3.36 -1.69 -30.17
CA PHE B 364 3.55 -1.81 -28.72
C PHE B 364 2.34 -2.54 -28.13
N VAL B 365 2.55 -3.77 -27.68
CA VAL B 365 1.48 -4.64 -27.20
C VAL B 365 1.60 -4.80 -25.69
N THR B 366 0.49 -4.61 -24.98
CA THR B 366 0.41 -4.83 -23.55
C THR B 366 -0.51 -6.02 -23.27
N THR B 367 -0.16 -6.78 -22.23
CA THR B 367 -0.87 -8.02 -21.93
C THR B 367 -1.45 -8.10 -20.53
N SER B 368 -1.10 -7.21 -19.64
CA SER B 368 -1.60 -7.42 -18.30
C SER B 368 -2.76 -6.48 -18.01
N PRO B 369 -3.74 -6.93 -17.22
CA PRO B 369 -4.77 -5.99 -16.73
C PRO B 369 -4.20 -4.96 -15.77
N LYS B 370 -3.07 -5.24 -15.13
CA LYS B 370 -2.44 -4.33 -14.19
C LYS B 370 -1.49 -3.34 -14.87
N GLY B 371 -0.95 -3.70 -16.03
CA GLY B 371 -0.06 -2.80 -16.74
C GLY B 371 -0.72 -2.20 -17.97
N ARG B 372 -1.52 -1.16 -17.76
CA ARG B 372 -2.22 -0.49 -18.84
C ARG B 372 -1.47 0.78 -19.23
N PHE B 373 -1.29 0.98 -20.53
CA PHE B 373 -0.57 2.13 -21.06
C PHE B 373 -1.48 2.81 -22.08
N THR B 374 -1.65 4.12 -21.94
CA THR B 374 -2.49 4.85 -22.87
C THR B 374 -1.88 4.82 -24.26
N GLY B 375 -2.69 4.45 -25.26
CA GLY B 375 -2.27 4.42 -26.64
C GLY B 375 -1.72 3.10 -27.14
N ALA B 376 -1.61 2.08 -26.29
CA ALA B 376 -1.04 0.80 -26.69
C ALA B 376 -2.11 -0.11 -27.30
N THR B 377 -1.65 -1.18 -27.94
CA THR B 377 -2.53 -2.25 -28.41
C THR B 377 -2.63 -3.28 -27.30
N HIS B 378 -3.81 -3.40 -26.71
CA HIS B 378 -4.00 -4.24 -25.52
C HIS B 378 -4.57 -5.59 -25.95
N VAL B 379 -3.80 -6.65 -25.71
CA VAL B 379 -4.24 -8.02 -25.95
C VAL B 379 -4.02 -8.76 -24.62
N GLU B 380 -5.04 -8.74 -23.75
CA GLU B 380 -4.88 -9.23 -22.39
C GLU B 380 -4.67 -10.75 -22.36
N VAL B 381 -3.66 -11.17 -21.62
CA VAL B 381 -3.25 -12.57 -21.56
C VAL B 381 -3.51 -13.12 -20.17
N HIS B 382 -4.26 -14.22 -20.10
CA HIS B 382 -4.49 -15.00 -18.90
C HIS B 382 -4.23 -16.46 -19.23
N PRO B 383 -3.94 -17.28 -18.22
CA PRO B 383 -3.57 -18.68 -18.51
C PRO B 383 -4.59 -19.46 -19.33
N HIS B 384 -5.88 -19.11 -19.24
CA HIS B 384 -6.90 -19.86 -19.97
C HIS B 384 -6.90 -19.53 -21.47
N ASN B 385 -6.45 -18.34 -21.85
CA ASN B 385 -6.44 -17.96 -23.26
C ASN B 385 -5.05 -17.60 -23.79
N ALA B 386 -3.98 -17.93 -23.05
CA ALA B 386 -2.65 -17.52 -23.46
C ALA B 386 -2.27 -18.07 -24.83
N GLN B 387 -2.58 -19.35 -25.08
CA GLN B 387 -2.16 -19.97 -26.33
C GLN B 387 -2.78 -19.30 -27.55
N GLU B 388 -4.08 -18.99 -27.49
CA GLU B 388 -4.73 -18.32 -28.61
C GLU B 388 -4.33 -16.85 -28.69
N ARG B 389 -4.21 -16.17 -27.53
CA ARG B 389 -3.87 -14.75 -27.53
C ARG B 389 -2.42 -14.52 -27.96
N CYS B 390 -1.48 -15.32 -27.43
CA CYS B 390 -0.09 -15.18 -27.84
C CYS B 390 0.08 -15.50 -29.32
N ARG B 391 -0.71 -16.45 -29.85
CA ARG B 391 -0.71 -16.70 -31.28
C ARG B 391 -1.20 -15.49 -32.06
N GLU B 392 -2.21 -14.78 -31.53
CA GLU B 392 -2.67 -13.54 -32.15
C GLU B 392 -1.60 -12.46 -32.10
N ILE B 393 -0.82 -12.44 -31.01
CA ILE B 393 0.21 -11.41 -30.85
C ILE B 393 1.35 -11.61 -31.85
N VAL B 394 1.81 -12.86 -32.01
CA VAL B 394 2.86 -13.14 -32.99
C VAL B 394 2.40 -12.82 -34.41
N MET B 395 1.11 -12.97 -34.70
CA MET B 395 0.60 -12.59 -36.01
C MET B 395 0.59 -11.08 -36.18
N LEU B 396 0.30 -10.33 -35.11
CA LEU B 396 0.44 -8.89 -35.15
C LEU B 396 1.87 -8.48 -35.48
N ALA B 397 2.85 -9.16 -34.88
CA ALA B 397 4.26 -8.86 -35.16
C ALA B 397 4.64 -9.24 -36.58
N ILE B 398 4.20 -10.42 -37.05
CA ILE B 398 4.46 -10.81 -38.43
C ILE B 398 3.84 -9.80 -39.40
N ASP B 399 2.69 -9.23 -39.03
CA ASP B 399 2.11 -8.15 -39.82
C ASP B 399 3.01 -6.92 -39.81
N ALA B 400 3.55 -6.56 -38.65
CA ALA B 400 4.38 -5.36 -38.55
C ALA B 400 5.72 -5.52 -39.25
N TYR B 401 6.19 -6.75 -39.45
CA TYR B 401 7.47 -6.97 -40.12
C TYR B 401 7.44 -6.51 -41.57
N THR B 402 6.26 -6.50 -42.19
CA THR B 402 6.14 -6.04 -43.57
C THR B 402 6.16 -4.52 -43.67
N ARG B 403 5.76 -3.83 -42.61
CA ARG B 403 5.65 -2.37 -42.62
C ARG B 403 6.93 -1.67 -42.14
N ARG B 404 8.04 -2.39 -42.02
CA ARG B 404 9.29 -1.80 -41.56
C ARG B 404 9.99 -1.06 -42.69
N ASP B 405 10.32 0.21 -42.45
CA ASP B 405 11.05 1.02 -43.43
C ASP B 405 12.49 0.55 -43.49
N PRO B 406 12.97 0.08 -44.64
CA PRO B 406 14.38 -0.38 -44.71
C PRO B 406 15.39 0.74 -44.53
N ALA B 407 15.00 2.00 -44.78
CA ALA B 407 15.94 3.11 -44.73
C ALA B 407 16.36 3.44 -43.30
N ARG B 408 15.47 3.25 -42.32
CA ARG B 408 15.72 3.68 -40.95
C ARG B 408 16.18 2.53 -40.05
N VAL B 409 16.70 1.45 -40.61
CA VAL B 409 17.22 0.32 -39.84
C VAL B 409 18.73 0.47 -39.70
N ASP B 410 19.23 0.38 -38.46
CA ASP B 410 20.67 0.40 -38.19
C ASP B 410 20.90 -0.40 -36.90
N ILE B 411 21.18 -1.68 -37.05
CA ILE B 411 21.53 -2.54 -35.91
C ILE B 411 23.01 -2.32 -35.59
N PRO B 412 23.33 -1.85 -34.38
CA PRO B 412 24.68 -1.32 -34.13
C PRO B 412 25.80 -2.35 -34.02
N SER B 413 25.78 -3.18 -32.99
CA SER B 413 26.93 -3.99 -32.62
C SER B 413 26.75 -5.44 -33.07
N GLN B 414 27.77 -6.26 -32.76
CA GLN B 414 27.78 -7.71 -32.93
C GLN B 414 27.60 -8.36 -31.57
N PRO B 415 26.73 -9.36 -31.45
CA PRO B 415 26.42 -9.91 -30.12
C PRO B 415 27.62 -10.53 -29.42
N VAL B 416 27.52 -10.61 -28.11
CA VAL B 416 28.58 -11.12 -27.23
C VAL B 416 28.08 -12.39 -26.56
N SER B 417 28.93 -13.41 -26.49
CA SER B 417 28.54 -14.66 -25.87
C SER B 417 28.51 -14.55 -24.35
N ILE B 418 27.49 -15.17 -23.75
CA ILE B 418 27.30 -15.21 -22.31
C ILE B 418 26.93 -16.63 -21.90
N MET B 419 27.17 -16.94 -20.64
CA MET B 419 26.68 -18.16 -20.02
C MET B 419 25.70 -17.75 -18.92
N SER B 420 24.57 -18.44 -18.86
CA SER B 420 23.50 -18.10 -17.94
C SER B 420 22.87 -19.38 -17.43
N GLY B 421 21.90 -19.23 -16.54
CA GLY B 421 21.16 -20.35 -16.01
C GLY B 421 21.64 -20.87 -14.67
N PHE B 422 22.25 -20.04 -13.84
CA PHE B 422 22.82 -20.49 -12.58
C PHE B 422 21.81 -20.31 -11.45
N SER B 423 20.87 -21.25 -11.38
CA SER B 423 20.04 -21.38 -10.20
C SER B 423 20.84 -22.02 -9.07
N ASN B 424 20.25 -22.05 -7.87
CA ASN B 424 20.86 -22.77 -6.77
C ASN B 424 20.94 -24.26 -7.09
N GLU B 425 19.91 -24.79 -7.75
CA GLU B 425 19.96 -26.17 -8.23
C GLU B 425 21.15 -26.38 -9.16
N ALA B 426 21.39 -25.43 -10.08
CA ALA B 426 22.50 -25.57 -11.01
C ALA B 426 23.84 -25.46 -10.29
N ILE B 427 23.97 -24.49 -9.39
CA ILE B 427 25.21 -24.32 -8.64
C ILE B 427 25.57 -25.60 -7.89
N LEU B 428 24.61 -26.13 -7.11
CA LEU B 428 24.86 -27.34 -6.34
C LEU B 428 25.20 -28.51 -7.25
N GLU B 429 24.56 -28.60 -8.41
CA GLU B 429 24.89 -29.68 -9.35
C GLU B 429 26.33 -29.57 -9.80
N ALA B 430 26.78 -28.35 -10.11
CA ALA B 430 28.17 -28.15 -10.51
C ALA B 430 29.14 -28.55 -9.40
N LEU B 431 28.72 -28.40 -8.14
CA LEU B 431 29.54 -28.77 -7.00
C LEU B 431 29.40 -30.23 -6.60
N GLY B 432 28.71 -31.04 -7.41
CA GLY B 432 28.57 -32.45 -7.12
C GLY B 432 27.45 -32.82 -6.18
N GLY B 433 26.61 -31.86 -5.78
CA GLY B 433 25.41 -32.13 -5.01
C GLY B 433 25.36 -31.40 -3.68
N THR B 434 26.51 -31.12 -3.08
CA THR B 434 26.54 -30.47 -1.78
C THR B 434 27.30 -29.15 -1.86
N PRO B 435 27.00 -28.20 -0.95
CA PRO B 435 27.77 -26.95 -0.93
C PRO B 435 29.15 -27.08 -0.30
N LYS B 436 29.54 -28.30 0.11
CA LYS B 436 30.83 -28.46 0.77
C LYS B 436 32.02 -28.00 -0.06
N PRO B 437 32.11 -28.29 -1.37
CA PRO B 437 33.23 -27.73 -2.16
C PRO B 437 33.24 -26.22 -2.17
N LEU B 438 32.07 -25.60 -2.33
CA LEU B 438 31.97 -24.15 -2.25
C LEU B 438 32.42 -23.65 -0.89
N ILE B 439 32.00 -24.35 0.17
CA ILE B 439 32.43 -24.00 1.53
C ILE B 439 33.94 -24.08 1.66
N ASP B 440 34.53 -25.18 1.18
CA ASP B 440 35.96 -25.39 1.32
C ASP B 440 36.77 -24.28 0.66
N ALA B 441 36.34 -23.84 -0.53
CA ALA B 441 37.05 -22.75 -1.21
C ALA B 441 37.03 -21.47 -0.38
N VAL B 442 35.94 -21.24 0.36
CA VAL B 442 35.86 -20.04 1.19
C VAL B 442 36.76 -20.16 2.41
N VAL B 443 36.82 -21.34 3.03
CA VAL B 443 37.71 -21.52 4.18
C VAL B 443 39.17 -21.41 3.77
N ALA B 444 39.52 -21.96 2.60
CA ALA B 444 40.89 -21.83 2.11
C ALA B 444 41.23 -20.38 1.81
N GLY B 445 40.26 -19.61 1.30
CA GLY B 445 40.53 -18.28 0.82
C GLY B 445 40.63 -18.15 -0.68
N GLN B 446 40.33 -19.22 -1.43
CA GLN B 446 40.25 -19.11 -2.88
C GLN B 446 39.11 -18.20 -3.30
N ILE B 447 37.96 -18.35 -2.64
CA ILE B 447 36.84 -17.44 -2.75
C ILE B 447 36.74 -16.71 -1.42
N ARG B 448 37.10 -15.44 -1.40
CA ARG B 448 37.09 -14.70 -0.14
C ARG B 448 35.67 -14.32 0.30
N GLY B 449 34.75 -14.19 -0.65
CA GLY B 449 33.38 -13.87 -0.30
C GLY B 449 32.53 -13.83 -1.55
N PHE B 450 31.24 -13.56 -1.34
CA PHE B 450 30.24 -13.44 -2.40
C PHE B 450 29.54 -12.11 -2.29
N VAL B 451 29.31 -11.46 -3.43
CA VAL B 451 28.53 -10.23 -3.47
C VAL B 451 27.50 -10.35 -4.58
N GLY B 452 26.23 -10.29 -4.21
CA GLY B 452 25.17 -10.25 -5.21
C GLY B 452 24.93 -8.83 -5.65
N ILE B 453 25.18 -8.54 -6.92
CA ILE B 453 24.99 -7.21 -7.48
C ILE B 453 23.62 -7.18 -8.13
N VAL B 454 22.76 -6.30 -7.63
CA VAL B 454 21.34 -6.28 -7.99
C VAL B 454 21.00 -5.06 -8.83
N GLY B 455 21.99 -4.28 -9.23
CA GLY B 455 21.74 -2.93 -9.70
C GLY B 455 20.83 -2.86 -10.92
N CYS B 456 20.29 -1.66 -11.11
CA CYS B 456 19.56 -1.31 -12.32
C CYS B 456 20.46 -0.42 -13.18
N ASN B 457 19.84 0.53 -13.86
CA ASN B 457 20.50 1.65 -14.47
C ASN B 457 19.80 2.92 -14.00
N ASN B 458 20.53 4.01 -13.97
CA ASN B 458 19.97 5.28 -13.54
C ASN B 458 20.64 6.37 -14.36
N PRO B 459 19.89 7.22 -15.07
CA PRO B 459 20.52 8.27 -15.88
C PRO B 459 21.41 9.22 -15.09
N LYS B 460 21.40 9.13 -13.76
CA LYS B 460 22.31 9.90 -12.91
C LYS B 460 23.72 9.34 -12.92
N ILE B 461 23.92 8.15 -13.46
CA ILE B 461 25.22 7.51 -13.55
C ILE B 461 25.44 7.05 -14.98
N ARG B 462 26.66 7.22 -15.48
CA ARG B 462 27.03 6.67 -16.78
C ARG B 462 26.66 5.19 -16.83
N GLN B 463 25.90 4.81 -17.85
CA GLN B 463 25.22 3.52 -17.86
C GLN B 463 26.22 2.37 -17.76
N ASP B 464 26.04 1.52 -16.75
CA ASP B 464 26.80 0.30 -16.50
C ASP B 464 28.25 0.54 -16.11
N SER B 465 28.69 1.81 -16.03
CA SER B 465 30.04 2.09 -15.59
C SER B 465 30.28 1.56 -14.18
N ALA B 466 29.47 2.01 -13.22
CA ALA B 466 29.64 1.59 -11.84
C ALA B 466 29.43 0.09 -11.69
N ASN B 467 28.45 -0.47 -12.41
CA ASN B 467 28.17 -1.90 -12.29
C ASN B 467 29.37 -2.72 -12.74
N VAL B 468 29.88 -2.45 -13.94
CA VAL B 468 30.99 -3.24 -14.48
C VAL B 468 32.27 -2.95 -13.72
N THR B 469 32.51 -1.70 -13.36
CA THR B 469 33.71 -1.38 -12.59
C THR B 469 33.73 -2.12 -11.27
N LEU B 470 32.62 -2.07 -10.52
CA LEU B 470 32.56 -2.80 -9.25
C LEU B 470 32.75 -4.29 -9.49
N THR B 471 32.11 -4.84 -10.51
CA THR B 471 32.22 -6.26 -10.80
C THR B 471 33.67 -6.65 -11.11
N ARG B 472 34.34 -5.85 -11.94
CA ARG B 472 35.75 -6.13 -12.25
C ARG B 472 36.61 -6.10 -10.99
N GLU B 473 36.37 -5.11 -10.12
CA GLU B 473 37.16 -5.01 -8.89
C GLU B 473 36.94 -6.22 -7.98
N LEU B 474 35.68 -6.64 -7.82
CA LEU B 474 35.38 -7.70 -6.85
C LEU B 474 36.02 -9.03 -7.26
N ILE B 475 35.87 -9.42 -8.52
CA ILE B 475 36.47 -10.69 -8.94
C ILE B 475 38.00 -10.61 -8.91
N ARG B 476 38.56 -9.41 -9.10
CA ARG B 476 39.99 -9.24 -8.96
C ARG B 476 40.45 -9.54 -7.54
N ARG B 477 39.59 -9.29 -6.55
CA ARG B 477 39.90 -9.55 -5.15
C ARG B 477 39.41 -10.91 -4.68
N ASP B 478 39.22 -11.86 -5.60
CA ASP B 478 38.78 -13.21 -5.29
C ASP B 478 37.39 -13.23 -4.66
N ILE B 479 36.54 -12.30 -5.06
CA ILE B 479 35.17 -12.21 -4.56
C ILE B 479 34.23 -12.54 -5.69
N MET B 480 33.50 -13.64 -5.55
CA MET B 480 32.59 -14.10 -6.59
C MET B 480 31.34 -13.23 -6.65
N VAL B 481 30.93 -12.86 -7.86
CA VAL B 481 29.78 -11.99 -8.06
C VAL B 481 28.60 -12.82 -8.54
N LEU B 482 27.45 -12.64 -7.89
CA LEU B 482 26.19 -13.23 -8.33
C LEU B 482 25.34 -12.10 -8.89
N ALA B 483 25.01 -12.19 -10.17
CA ALA B 483 24.37 -11.09 -10.88
C ALA B 483 22.91 -11.41 -11.16
N THR B 484 22.05 -10.41 -10.97
CA THR B 484 20.65 -10.48 -11.36
C THR B 484 20.27 -9.15 -12.00
N GLY B 485 19.10 -9.13 -12.64
CA GLY B 485 18.53 -7.88 -13.13
C GLY B 485 19.31 -7.30 -14.29
N CYS B 486 19.59 -5.98 -14.21
CA CYS B 486 20.20 -5.26 -15.31
C CYS B 486 21.68 -5.55 -15.46
N VAL B 487 22.38 -5.71 -14.33
CA VAL B 487 23.83 -5.96 -14.35
C VAL B 487 24.16 -7.21 -15.16
N THR B 488 23.16 -8.06 -15.43
CA THR B 488 23.37 -9.20 -16.31
C THR B 488 23.80 -8.74 -17.70
N THR B 489 23.03 -7.84 -18.31
CA THR B 489 23.43 -7.29 -19.60
C THR B 489 24.74 -6.51 -19.50
N ALA B 490 24.99 -5.87 -18.35
CA ALA B 490 26.21 -5.09 -18.17
C ALA B 490 27.44 -5.99 -18.17
N ALA B 491 27.53 -6.89 -17.21
CA ALA B 491 28.66 -7.80 -17.14
C ALA B 491 28.79 -8.63 -18.42
N GLY B 492 27.66 -9.02 -19.02
CA GLY B 492 27.71 -9.80 -20.23
C GLY B 492 28.39 -9.08 -21.37
N LYS B 493 28.03 -7.81 -21.58
CA LYS B 493 28.68 -7.01 -22.61
C LYS B 493 30.17 -6.86 -22.34
N ALA B 494 30.59 -6.99 -21.08
CA ALA B 494 31.99 -6.88 -20.69
C ALA B 494 32.75 -8.19 -20.81
N GLY B 495 32.10 -9.26 -21.26
CA GLY B 495 32.78 -10.54 -21.36
C GLY B 495 33.03 -11.24 -20.05
N LEU B 496 32.28 -10.90 -19.00
CA LEU B 496 32.49 -11.44 -17.68
C LEU B 496 31.58 -12.63 -17.36
N LEU B 497 30.69 -13.02 -18.27
CA LEU B 497 29.76 -14.11 -18.01
C LEU B 497 30.16 -15.42 -18.68
N VAL B 498 31.42 -15.55 -19.08
CA VAL B 498 31.89 -16.76 -19.73
C VAL B 498 32.95 -17.41 -18.84
N PRO B 499 33.15 -18.72 -18.97
CA PRO B 499 34.25 -19.36 -18.24
C PRO B 499 35.60 -18.74 -18.49
N GLU B 500 35.83 -18.24 -19.71
CA GLU B 500 37.10 -17.62 -20.04
C GLU B 500 37.36 -16.34 -19.25
N ALA B 501 36.33 -15.76 -18.64
CA ALA B 501 36.51 -14.57 -17.83
C ALA B 501 37.29 -14.83 -16.54
N ALA B 502 37.63 -16.09 -16.26
CA ALA B 502 38.46 -16.40 -15.10
C ALA B 502 39.79 -15.65 -15.14
N SER B 503 40.29 -15.33 -16.33
CA SER B 503 41.54 -14.60 -16.45
C SER B 503 41.45 -13.19 -15.89
N LYS B 504 40.24 -12.68 -15.65
CA LYS B 504 40.05 -11.36 -15.07
C LYS B 504 39.86 -11.41 -13.56
N ALA B 505 39.89 -12.60 -12.95
CA ALA B 505 39.73 -12.78 -11.52
C ALA B 505 41.07 -13.02 -10.85
N GLY B 506 41.06 -12.94 -9.52
CA GLY B 506 42.25 -13.29 -8.76
C GLY B 506 42.62 -14.75 -8.94
N GLU B 507 43.82 -15.08 -8.44
CA GLU B 507 44.34 -16.43 -8.64
C GLU B 507 43.45 -17.48 -7.99
N GLY B 508 42.95 -17.20 -6.78
CA GLY B 508 42.15 -18.19 -6.09
C GLY B 508 40.80 -18.41 -6.77
N LEU B 509 40.10 -17.31 -7.07
CA LEU B 509 38.78 -17.41 -7.69
C LEU B 509 38.87 -18.00 -9.10
N ALA B 510 39.85 -17.55 -9.89
CA ALA B 510 40.06 -18.14 -11.19
C ALA B 510 40.29 -19.64 -11.08
N ALA B 511 41.02 -20.07 -10.04
CA ALA B 511 41.28 -21.49 -9.82
C ALA B 511 39.99 -22.25 -9.58
N VAL B 512 39.10 -21.70 -8.75
CA VAL B 512 37.82 -22.35 -8.49
C VAL B 512 37.00 -22.42 -9.77
N CYS B 513 36.96 -21.31 -10.53
CA CYS B 513 36.12 -21.26 -11.71
C CYS B 513 36.56 -22.27 -12.76
N ARG B 514 37.87 -22.41 -12.96
CA ARG B 514 38.36 -23.41 -13.91
C ARG B 514 38.05 -24.83 -13.47
N SER B 515 38.07 -25.10 -12.16
CA SER B 515 37.67 -26.42 -11.67
C SER B 515 36.20 -26.70 -11.98
N LEU B 516 35.35 -25.71 -11.82
CA LEU B 516 33.92 -25.89 -12.04
C LEU B 516 33.51 -25.65 -13.48
N GLY B 517 34.35 -25.02 -14.29
CA GLY B 517 33.96 -24.67 -15.63
C GLY B 517 32.91 -23.58 -15.69
N VAL B 518 32.89 -22.68 -14.71
CA VAL B 518 31.86 -21.66 -14.60
C VAL B 518 32.54 -20.30 -14.66
N PRO B 519 31.80 -19.24 -15.00
CA PRO B 519 32.39 -17.89 -15.02
C PRO B 519 32.57 -17.36 -13.62
N PRO B 520 33.41 -16.32 -13.45
CA PRO B 520 33.52 -15.67 -12.13
C PRO B 520 32.32 -14.82 -11.76
N VAL B 521 31.41 -14.56 -12.69
CA VAL B 521 30.16 -13.88 -12.41
C VAL B 521 29.05 -14.85 -12.79
N LEU B 522 28.21 -15.20 -11.82
CA LEU B 522 27.13 -16.15 -12.02
C LEU B 522 25.83 -15.40 -12.20
N HIS B 523 25.20 -15.59 -13.35
CA HIS B 523 23.89 -14.98 -13.60
C HIS B 523 22.81 -15.83 -12.97
N MET B 524 22.12 -15.27 -11.98
CA MET B 524 21.11 -16.01 -11.24
C MET B 524 19.67 -15.58 -11.57
N GLY B 525 19.49 -14.62 -12.46
CA GLY B 525 18.18 -14.33 -12.97
C GLY B 525 17.75 -12.89 -12.92
N SER B 526 16.47 -12.69 -12.60
CA SER B 526 15.80 -11.40 -12.61
C SER B 526 15.77 -10.82 -11.20
N CYS B 527 15.08 -9.69 -11.03
N CYS B 527 15.06 -9.70 -11.04
CA CYS B 527 14.99 -9.08 -9.71
CA CYS B 527 14.96 -9.05 -9.73
C CYS B 527 14.25 -9.98 -8.73
C CYS B 527 14.22 -9.94 -8.74
N VAL B 528 13.22 -10.68 -9.21
CA VAL B 528 12.53 -11.63 -8.34
C VAL B 528 13.46 -12.74 -7.91
N ASP B 529 14.33 -13.17 -8.83
CA ASP B 529 15.27 -14.26 -8.57
C ASP B 529 16.31 -13.92 -7.51
N ASN B 530 16.36 -12.67 -7.04
CA ASN B 530 17.19 -12.37 -5.89
C ASN B 530 16.82 -13.20 -4.67
N SER B 531 15.60 -13.75 -4.62
CA SER B 531 15.28 -14.71 -3.55
C SER B 531 16.20 -15.92 -3.59
N ARG B 532 16.74 -16.26 -4.78
CA ARG B 532 17.74 -17.32 -4.85
C ARG B 532 18.95 -16.99 -3.97
N ILE B 533 19.36 -15.72 -3.96
CA ILE B 533 20.50 -15.34 -3.14
C ILE B 533 20.19 -15.53 -1.67
N LEU B 534 18.99 -15.13 -1.24
CA LEU B 534 18.56 -15.44 0.12
C LEU B 534 18.60 -16.94 0.39
N GLN B 535 18.04 -17.73 -0.52
CA GLN B 535 18.03 -19.17 -0.31
C GLN B 535 19.45 -19.71 -0.18
N LEU B 536 20.38 -19.16 -0.96
CA LEU B 536 21.76 -19.63 -0.90
C LEU B 536 22.43 -19.20 0.40
N CYS B 537 22.24 -17.94 0.81
CA CYS B 537 22.78 -17.49 2.08
C CYS B 537 22.20 -18.30 3.24
N ALA B 538 20.88 -18.49 3.24
CA ALA B 538 20.26 -19.27 4.29
C ALA B 538 20.83 -20.69 4.33
N LEU B 539 21.11 -21.28 3.16
CA LEU B 539 21.65 -22.64 3.12
C LEU B 539 23.07 -22.69 3.67
N LEU B 540 23.92 -21.73 3.25
CA LEU B 540 25.28 -21.72 3.77
C LEU B 540 25.31 -21.41 5.25
N ALA B 541 24.45 -20.50 5.71
CA ALA B 541 24.40 -20.21 7.14
C ALA B 541 23.90 -21.42 7.92
N THR B 542 22.83 -22.05 7.45
CA THR B 542 22.31 -23.21 8.15
C THR B 542 23.33 -24.35 8.20
N THR B 543 24.02 -24.58 7.08
CA THR B 543 25.02 -25.65 7.04
C THR B 543 26.12 -25.41 8.06
N LEU B 544 26.53 -24.16 8.24
CA LEU B 544 27.62 -23.83 9.15
C LEU B 544 27.15 -23.61 10.58
N GLY B 545 25.84 -23.52 10.82
CA GLY B 545 25.39 -23.25 12.17
C GLY B 545 25.59 -21.82 12.62
N VAL B 546 25.70 -20.88 11.69
CA VAL B 546 25.82 -19.47 12.05
C VAL B 546 24.66 -18.66 11.48
N ASP B 547 24.62 -17.37 11.80
CA ASP B 547 23.62 -16.49 11.23
C ASP B 547 24.08 -16.05 9.84
N ILE B 548 23.12 -15.60 9.03
CA ILE B 548 23.48 -15.02 7.74
C ILE B 548 24.41 -13.83 7.94
N SER B 549 24.27 -13.13 9.06
CA SER B 549 25.13 -12.00 9.38
C SER B 549 26.56 -12.43 9.68
N ASP B 550 26.83 -13.72 9.75
CA ASP B 550 28.17 -14.24 9.96
C ASP B 550 28.85 -14.68 8.67
N LEU B 551 28.14 -14.60 7.55
CA LEU B 551 28.71 -15.07 6.29
C LEU B 551 29.46 -13.94 5.60
N PRO B 552 30.56 -14.26 4.92
CA PRO B 552 31.24 -13.25 4.11
C PRO B 552 30.47 -12.96 2.82
N VAL B 553 29.38 -12.22 2.95
CA VAL B 553 28.49 -11.91 1.84
C VAL B 553 28.27 -10.41 1.79
N GLY B 554 27.82 -9.95 0.62
CA GLY B 554 27.46 -8.56 0.42
C GLY B 554 26.46 -8.44 -0.71
N ALA B 555 25.88 -7.24 -0.82
CA ALA B 555 24.96 -6.92 -1.90
C ALA B 555 25.22 -5.49 -2.35
N SER B 556 25.06 -5.26 -3.64
CA SER B 556 25.27 -3.94 -4.19
C SER B 556 24.23 -3.64 -5.25
N SER B 557 23.77 -2.39 -5.27
CA SER B 557 22.93 -1.87 -6.34
C SER B 557 23.61 -0.58 -6.80
N PRO B 558 24.69 -0.70 -7.57
CA PRO B 558 25.47 0.50 -7.90
C PRO B 558 24.70 1.54 -8.71
N GLU B 559 23.68 1.14 -9.46
CA GLU B 559 22.96 2.08 -10.31
C GLU B 559 21.45 1.93 -10.14
N TRP B 560 21.00 1.72 -8.91
CA TRP B 560 19.59 1.43 -8.68
C TRP B 560 18.73 2.69 -8.88
N TYR B 561 17.44 2.45 -9.16
CA TYR B 561 16.48 3.55 -9.30
C TYR B 561 15.09 3.26 -8.73
N SER B 562 14.64 2.01 -8.68
CA SER B 562 13.22 1.69 -8.52
C SER B 562 12.87 1.31 -7.08
N GLU B 563 11.57 1.36 -6.80
CA GLU B 563 11.08 0.91 -5.50
C GLU B 563 11.43 -0.56 -5.27
N LYS B 564 11.39 -1.38 -6.32
CA LYS B 564 11.71 -2.80 -6.16
C LYS B 564 13.18 -3.00 -5.76
N ALA B 565 14.08 -2.13 -6.22
CA ALA B 565 15.47 -2.24 -5.81
C ALA B 565 15.64 -1.88 -4.33
N ALA B 566 14.96 -0.82 -3.88
CA ALA B 566 15.06 -0.47 -2.48
C ALA B 566 14.44 -1.55 -1.58
N ALA B 567 13.33 -2.15 -2.03
CA ALA B 567 12.77 -3.28 -1.30
C ALA B 567 13.76 -4.45 -1.25
N ILE B 568 14.46 -4.69 -2.36
CA ILE B 568 15.48 -5.75 -2.38
C ILE B 568 16.61 -5.41 -1.42
N ALA B 569 17.11 -4.17 -1.50
CA ALA B 569 18.21 -3.76 -0.62
C ALA B 569 17.79 -3.84 0.84
N MET B 570 16.54 -3.47 1.15
CA MET B 570 16.07 -3.48 2.53
C MET B 570 15.96 -4.90 3.07
N TYR B 571 15.44 -5.83 2.27
CA TYR B 571 15.33 -7.20 2.77
C TYR B 571 16.66 -7.92 2.85
N ALA B 572 17.65 -7.52 2.05
CA ALA B 572 19.01 -8.03 2.22
C ALA B 572 19.60 -7.57 3.55
N VAL B 573 19.56 -6.26 3.82
CA VAL B 573 20.06 -5.72 5.08
C VAL B 573 19.36 -6.41 6.26
N ALA B 574 18.04 -6.54 6.19
CA ALA B 574 17.30 -7.10 7.31
C ALA B 574 17.56 -8.59 7.49
N SER B 575 18.14 -9.27 6.49
CA SER B 575 18.47 -10.68 6.61
C SER B 575 19.94 -10.94 6.98
N GLY B 576 20.75 -9.89 7.17
CA GLY B 576 22.11 -10.05 7.60
C GLY B 576 23.16 -9.72 6.56
N ILE B 577 22.77 -9.31 5.36
CA ILE B 577 23.68 -9.11 4.25
C ILE B 577 24.02 -7.62 4.17
N PRO B 578 25.28 -7.23 4.32
CA PRO B 578 25.65 -5.83 4.11
C PRO B 578 25.36 -5.41 2.68
N THR B 579 24.69 -4.28 2.51
CA THR B 579 24.19 -3.86 1.22
C THR B 579 24.69 -2.46 0.90
N HIS B 580 25.32 -2.33 -0.26
CA HIS B 580 25.81 -1.04 -0.74
C HIS B 580 24.83 -0.47 -1.76
N LEU B 581 24.62 0.84 -1.68
CA LEU B 581 23.82 1.57 -2.64
C LEU B 581 24.69 2.64 -3.29
N GLY B 582 24.64 2.72 -4.62
CA GLY B 582 25.44 3.72 -5.31
C GLY B 582 24.88 5.12 -5.16
N LEU B 583 23.56 5.26 -5.17
CA LEU B 583 22.93 6.55 -4.98
C LEU B 583 22.06 6.52 -3.73
N PRO B 584 21.98 7.63 -3.00
CA PRO B 584 21.25 7.63 -1.73
C PRO B 584 19.75 7.62 -1.98
N PRO B 585 18.97 7.01 -1.09
CA PRO B 585 17.52 7.21 -1.12
C PRO B 585 17.16 8.61 -0.66
N ASN B 586 15.87 8.95 -0.81
CA ASN B 586 15.37 10.27 -0.45
C ASN B 586 15.14 10.37 1.07
N ILE B 587 16.22 10.22 1.83
CA ILE B 587 16.15 10.21 3.29
C ILE B 587 17.16 11.14 3.96
N LEU B 588 17.98 11.87 3.19
CA LEU B 588 19.02 12.70 3.80
C LEU B 588 18.46 13.84 4.64
N GLY B 589 17.17 14.17 4.49
CA GLY B 589 16.57 15.25 5.26
C GLY B 589 16.43 14.96 6.74
N SER B 590 16.54 13.70 7.15
CA SER B 590 16.54 13.32 8.56
C SER B 590 17.84 12.58 8.83
N GLU B 591 18.72 13.18 9.63
CA GLU B 591 19.98 12.54 9.97
C GLU B 591 19.76 11.31 10.85
N ASN B 592 18.68 11.30 11.64
CA ASN B 592 18.39 10.14 12.49
C ASN B 592 18.04 8.93 11.64
N VAL B 593 17.17 9.12 10.65
CA VAL B 593 16.83 8.01 9.74
C VAL B 593 18.06 7.59 8.96
N THR B 594 18.87 8.56 8.53
CA THR B 594 20.08 8.24 7.78
C THR B 594 21.04 7.44 8.65
N ALA B 595 21.28 7.88 9.89
CA ALA B 595 22.17 7.16 10.78
C ALA B 595 21.63 5.78 11.13
N MET B 596 20.31 5.64 11.23
CA MET B 596 19.73 4.33 11.46
C MET B 596 19.98 3.39 10.30
N ALA B 597 19.78 3.89 9.08
CA ALA B 597 20.01 3.06 7.90
C ALA B 597 21.48 2.72 7.73
N LEU B 598 22.36 3.68 7.98
CA LEU B 598 23.79 3.51 7.69
C LEU B 598 24.57 2.88 8.84
N HIS B 599 24.11 3.03 10.09
CA HIS B 599 24.86 2.52 11.23
C HIS B 599 23.98 1.81 12.24
N GLY B 600 22.82 2.39 12.57
CA GLY B 600 21.97 1.82 13.60
C GLY B 600 21.53 0.41 13.30
N LEU B 601 21.27 0.11 12.02
CA LEU B 601 20.81 -1.23 11.66
C LEU B 601 21.86 -2.29 11.94
N GLN B 602 23.14 -1.92 11.93
CA GLN B 602 24.20 -2.88 12.22
C GLN B 602 24.02 -3.51 13.59
N ASP B 603 23.61 -2.71 14.58
CA ASP B 603 23.41 -3.22 15.94
C ASP B 603 22.13 -4.05 16.04
N VAL B 604 21.16 -3.80 15.17
CA VAL B 604 19.85 -4.44 15.28
C VAL B 604 19.78 -5.71 14.45
N VAL B 605 20.18 -5.65 13.18
CA VAL B 605 20.02 -6.79 12.27
C VAL B 605 21.34 -7.40 11.82
N GLY B 606 22.48 -6.87 12.29
CA GLY B 606 23.77 -7.42 11.93
C GLY B 606 24.30 -6.99 10.58
N ALA B 607 23.62 -6.06 9.91
CA ALA B 607 24.02 -5.54 8.62
C ALA B 607 23.51 -4.10 8.52
N ALA B 608 23.95 -3.41 7.47
CA ALA B 608 23.59 -2.01 7.32
C ALA B 608 23.67 -1.60 5.85
N PHE B 609 23.23 -0.38 5.57
CA PHE B 609 23.33 0.22 4.24
C PHE B 609 24.66 0.95 4.11
N MET B 610 25.24 0.91 2.91
CA MET B 610 26.45 1.65 2.58
C MET B 610 26.17 2.46 1.33
N VAL B 611 26.37 3.77 1.41
CA VAL B 611 26.12 4.65 0.28
C VAL B 611 27.46 5.15 -0.24
N GLU B 612 27.74 4.87 -1.50
CA GLU B 612 29.02 5.23 -2.10
C GLU B 612 28.90 5.25 -3.62
N PRO B 613 29.00 6.42 -4.24
CA PRO B 613 28.96 6.47 -5.72
C PRO B 613 30.26 6.01 -6.38
N ASP B 614 31.38 5.98 -5.66
CA ASP B 614 32.64 5.52 -6.23
C ASP B 614 32.67 4.00 -6.17
N PRO B 615 32.62 3.32 -7.31
CA PRO B 615 32.60 1.84 -7.27
C PRO B 615 33.84 1.24 -6.64
N VAL B 616 35.00 1.87 -6.79
CA VAL B 616 36.21 1.34 -6.18
C VAL B 616 36.12 1.43 -4.66
N LYS B 617 35.73 2.59 -4.13
CA LYS B 617 35.52 2.70 -2.70
C LYS B 617 34.43 1.74 -2.23
N ALA B 618 33.41 1.53 -3.05
CA ALA B 618 32.39 0.55 -2.71
C ALA B 618 32.98 -0.85 -2.60
N ALA B 619 33.89 -1.20 -3.52
CA ALA B 619 34.56 -2.49 -3.43
C ALA B 619 35.36 -2.60 -2.15
N ASP B 620 36.04 -1.51 -1.75
CA ASP B 620 36.75 -1.52 -0.48
C ASP B 620 35.78 -1.74 0.68
N MET B 621 34.64 -1.06 0.66
CA MET B 621 33.67 -1.19 1.75
C MET B 621 33.07 -2.59 1.79
N LEU B 622 32.67 -3.11 0.64
CA LEU B 622 32.16 -4.47 0.58
C LEU B 622 33.21 -5.47 1.05
N GLU B 623 34.44 -5.34 0.55
CA GLU B 623 35.50 -6.28 0.94
C GLU B 623 35.83 -6.16 2.43
N ALA B 624 35.81 -4.94 2.97
CA ALA B 624 36.10 -4.76 4.39
C ALA B 624 35.12 -5.54 5.26
N HIS B 625 33.82 -5.43 4.97
CA HIS B 625 32.84 -6.20 5.72
C HIS B 625 33.08 -7.69 5.54
N ILE B 626 33.31 -8.12 4.30
CA ILE B 626 33.59 -9.53 4.04
C ILE B 626 34.76 -10.00 4.89
N VAL B 627 35.85 -9.22 4.89
CA VAL B 627 37.02 -9.55 5.71
C VAL B 627 36.63 -9.67 7.18
N ALA B 628 35.78 -8.76 7.67
CA ALA B 628 35.42 -8.78 9.08
C ALA B 628 34.68 -10.06 9.44
N ARG B 629 33.74 -10.48 8.58
CA ARG B 629 33.00 -11.71 8.84
C ARG B 629 33.89 -12.94 8.65
N ARG B 630 34.93 -12.85 7.82
CA ARG B 630 35.90 -13.94 7.76
C ARG B 630 36.63 -14.08 9.09
N ALA B 631 37.00 -12.96 9.70
CA ALA B 631 37.67 -13.01 10.99
C ALA B 631 36.74 -13.52 12.08
N ARG B 632 35.47 -13.12 12.05
CA ARG B 632 34.51 -13.62 13.03
C ARG B 632 34.29 -15.11 12.89
N LEU B 633 34.55 -15.68 11.72
CA LEU B 633 34.52 -17.12 11.53
C LEU B 633 35.88 -17.78 11.77
N GLY B 634 36.89 -17.02 12.15
CA GLY B 634 38.22 -17.57 12.33
C GLY B 634 38.91 -17.96 11.04
N LEU B 635 38.82 -17.07 10.03
CA LEU B 635 39.42 -17.33 8.73
C LEU B 635 40.37 -16.21 8.36
N THR B 636 41.33 -16.53 7.49
CA THR B 636 42.29 -15.56 6.99
C THR B 636 41.72 -14.78 5.81
#